data_4QKK
# 
_entry.id   4QKK 
# 
_audit_conform.dict_name       mmcif_pdbx.dic 
_audit_conform.dict_version    5.388 
_audit_conform.dict_location   http://mmcif.pdb.org/dictionaries/ascii/mmcif_pdbx.dic 
# 
loop_
_database_2.database_id 
_database_2.database_code 
_database_2.pdbx_database_accession 
_database_2.pdbx_DOI 
PDB   4QKK         pdb_00004qkk 10.2210/pdb4qkk/pdb 
NDB   NA3051       ?            ?                   
RCSB  RCSB086171   ?            ?                   
WWPDB D_1000086171 ?            ?                   
# 
loop_
_pdbx_audit_revision_history.ordinal 
_pdbx_audit_revision_history.data_content_type 
_pdbx_audit_revision_history.major_revision 
_pdbx_audit_revision_history.minor_revision 
_pdbx_audit_revision_history.revision_date 
1 'Structure model' 1 0 2014-12-10 
2 'Structure model' 1 1 2019-12-25 
3 'Structure model' 1 2 2024-03-20 
# 
_pdbx_audit_revision_details.ordinal             1 
_pdbx_audit_revision_details.revision_ordinal    1 
_pdbx_audit_revision_details.data_content_type   'Structure model' 
_pdbx_audit_revision_details.provider            repository 
_pdbx_audit_revision_details.type                'Initial release' 
_pdbx_audit_revision_details.description         ? 
_pdbx_audit_revision_details.details             ? 
# 
loop_
_pdbx_audit_revision_group.ordinal 
_pdbx_audit_revision_group.revision_ordinal 
_pdbx_audit_revision_group.data_content_type 
_pdbx_audit_revision_group.group 
1 2 'Structure model' 'Database references'  
2 2 'Structure model' 'Derived calculations' 
3 2 'Structure model' 'Source and taxonomy'  
4 3 'Structure model' 'Data collection'      
5 3 'Structure model' 'Database references'  
# 
loop_
_pdbx_audit_revision_category.ordinal 
_pdbx_audit_revision_category.revision_ordinal 
_pdbx_audit_revision_category.data_content_type 
_pdbx_audit_revision_category.category 
1 2 'Structure model' citation            
2 2 'Structure model' citation_author     
3 2 'Structure model' pdbx_entity_src_syn 
4 2 'Structure model' struct_conn         
5 3 'Structure model' chem_comp_atom      
6 3 'Structure model' chem_comp_bond      
7 3 'Structure model' database_2          
# 
loop_
_pdbx_audit_revision_item.ordinal 
_pdbx_audit_revision_item.revision_ordinal 
_pdbx_audit_revision_item.data_content_type 
_pdbx_audit_revision_item.item 
1 2 'Structure model' '_citation.journal_volume'            
2 2 'Structure model' '_citation.page_first'                
3 2 'Structure model' '_citation.page_last'                 
4 2 'Structure model' '_citation.pdbx_database_id_PubMed'   
5 2 'Structure model' '_citation.year'                      
6 2 'Structure model' '_citation_author.name'               
7 2 'Structure model' '_struct_conn.pdbx_leaving_atom_flag' 
8 3 'Structure model' '_database_2.pdbx_DOI'                
9 3 'Structure model' '_database_2.pdbx_database_accession' 
# 
_pdbx_database_status.status_code                     REL 
_pdbx_database_status.entry_id                        4QKK 
_pdbx_database_status.recvd_initial_deposition_date   2014-06-06 
_pdbx_database_status.deposit_site                    RCSB 
_pdbx_database_status.process_site                    PDBJ 
_pdbx_database_status.methods_development_category    ? 
_pdbx_database_status.status_code_sf                  REL 
_pdbx_database_status.status_code_mr                  ? 
_pdbx_database_status.SG_entry                        ? 
_pdbx_database_status.status_code_cs                  ? 
_pdbx_database_status.pdb_format_compatible           Y 
_pdbx_database_status.status_code_nmr_data            ? 
# 
loop_
_audit_author.name 
_audit_author.pdbx_ordinal 
'Raiber, E.-A.'       1 
'Murat, P.'           2 
'Chirgadze, D.Y.'     3 
'Luisi, B.F.'         4 
'Balasubramanian, S.' 5 
# 
_citation.id                        primary 
_citation.title                     '5-Formylcytosine alters the structure of the DNA double helix.' 
_citation.journal_abbrev            Nat.Struct.Mol.Biol. 
_citation.journal_volume            22 
_citation.page_first                44 
_citation.page_last                 49 
_citation.year                      2015 
_citation.journal_id_ASTM           ? 
_citation.country                   US 
_citation.journal_id_ISSN           1545-9985 
_citation.journal_id_CSD            ? 
_citation.book_publisher            ? 
_citation.pdbx_database_id_PubMed   25504322 
_citation.pdbx_database_id_DOI      10.1038/nsmb.2936 
# 
loop_
_citation_author.citation_id 
_citation_author.name 
_citation_author.ordinal 
_citation_author.identifier_ORCID 
primary 'Raiber, E.A.'        1 ? 
primary 'Murat, P.'           2 ? 
primary 'Chirgadze, D.Y.'     3 ? 
primary 'Beraldi, D.'         4 ? 
primary 'Luisi, B.F.'         5 ? 
primary 'Balasubramanian, S.' 6 ? 
# 
loop_
_entity.id 
_entity.type 
_entity.src_method 
_entity.pdbx_description 
_entity.formula_weight 
_entity.pdbx_number_of_molecules 
_entity.pdbx_ec 
_entity.pdbx_mutation 
_entity.pdbx_fragment 
_entity.details 
1 polymer syn 
;DNA (5'-D(*CP*TP*AP*(5FC)P*GP*(5FC)P*GP*(5FC)P*GP*TP*AP*G)-3')
;
3747.422 1  ? ? ? ? 
2 water   nat water                                                            18.015   54 ? ? ? ? 
# 
_entity_poly.entity_id                      1 
_entity_poly.type                           polydeoxyribonucleotide 
_entity_poly.nstd_linkage                   no 
_entity_poly.nstd_monomer                   yes 
_entity_poly.pdbx_seq_one_letter_code       '(DC)(DT)(DA)(5FC)(DG)(5FC)(DG)(5FC)(DG)(DT)(DA)(DG)' 
_entity_poly.pdbx_seq_one_letter_code_can   CTACGCGCGTAG 
_entity_poly.pdbx_strand_id                 A 
_entity_poly.pdbx_target_identifier         ? 
# 
_pdbx_entity_nonpoly.entity_id   2 
_pdbx_entity_nonpoly.name        water 
_pdbx_entity_nonpoly.comp_id     HOH 
# 
loop_
_entity_poly_seq.entity_id 
_entity_poly_seq.num 
_entity_poly_seq.mon_id 
_entity_poly_seq.hetero 
1 1  DC  n 
1 2  DT  n 
1 3  DA  n 
1 4  5FC n 
1 5  DG  n 
1 6  5FC n 
1 7  DG  n 
1 8  5FC n 
1 9  DG  n 
1 10 DT  n 
1 11 DA  n 
1 12 DG  n 
# 
_pdbx_entity_src_syn.entity_id              1 
_pdbx_entity_src_syn.pdbx_src_id            1 
_pdbx_entity_src_syn.pdbx_alt_source_flag   sample 
_pdbx_entity_src_syn.pdbx_beg_seq_num       ? 
_pdbx_entity_src_syn.pdbx_end_seq_num       ? 
_pdbx_entity_src_syn.organism_scientific    'synthetic construct' 
_pdbx_entity_src_syn.organism_common_name   ? 
_pdbx_entity_src_syn.ncbi_taxonomy_id       32630 
_pdbx_entity_src_syn.details                ? 
# 
loop_
_chem_comp.id 
_chem_comp.type 
_chem_comp.mon_nstd_flag 
_chem_comp.name 
_chem_comp.pdbx_synonyms 
_chem_comp.formula 
_chem_comp.formula_weight 
5FC 'DNA linking' n "5-FORMYL-2'-DEOXY-CYTIDINE-5'-MONOPHOSPHATE" "2'-DEOXY-5-FORMYLCYTIDINE-5'-MONOPHOSPHATE" 'C10 H14 N3 O8 P' 
335.207 
DA  'DNA linking' y "2'-DEOXYADENOSINE-5'-MONOPHOSPHATE"          ?                                            'C10 H14 N5 O6 P' 
331.222 
DC  'DNA linking' y "2'-DEOXYCYTIDINE-5'-MONOPHOSPHATE"           ?                                            'C9 H14 N3 O7 P'  
307.197 
DG  'DNA linking' y "2'-DEOXYGUANOSINE-5'-MONOPHOSPHATE"          ?                                            'C10 H14 N5 O7 P' 
347.221 
DT  'DNA linking' y "THYMIDINE-5'-MONOPHOSPHATE"                  ?                                            'C10 H15 N2 O8 P' 
322.208 
HOH non-polymer   . WATER                                         ?                                            'H2 O'            
18.015  
# 
loop_
_pdbx_poly_seq_scheme.asym_id 
_pdbx_poly_seq_scheme.entity_id 
_pdbx_poly_seq_scheme.seq_id 
_pdbx_poly_seq_scheme.mon_id 
_pdbx_poly_seq_scheme.ndb_seq_num 
_pdbx_poly_seq_scheme.pdb_seq_num 
_pdbx_poly_seq_scheme.auth_seq_num 
_pdbx_poly_seq_scheme.pdb_mon_id 
_pdbx_poly_seq_scheme.auth_mon_id 
_pdbx_poly_seq_scheme.pdb_strand_id 
_pdbx_poly_seq_scheme.pdb_ins_code 
_pdbx_poly_seq_scheme.hetero 
A 1 1  DC  1  1  1  DC  DC  A . n 
A 1 2  DT  2  2  2  DT  DT  A . n 
A 1 3  DA  3  3  3  DA  DA  A . n 
A 1 4  5FC 4  4  4  5FC 5FC A . n 
A 1 5  DG  5  5  5  DG  DG  A . n 
A 1 6  5FC 6  6  6  5FC 5FC A . n 
A 1 7  DG  7  7  7  DG  DG  A . n 
A 1 8  5FC 8  8  8  5FC 5FC A . n 
A 1 9  DG  9  9  9  DG  DG  A . n 
A 1 10 DT  10 10 10 DT  DT  A . n 
A 1 11 DA  11 11 11 DA  DA  A . n 
A 1 12 DG  12 12 12 DG  DG  A . n 
# 
loop_
_pdbx_nonpoly_scheme.asym_id 
_pdbx_nonpoly_scheme.entity_id 
_pdbx_nonpoly_scheme.mon_id 
_pdbx_nonpoly_scheme.ndb_seq_num 
_pdbx_nonpoly_scheme.pdb_seq_num 
_pdbx_nonpoly_scheme.auth_seq_num 
_pdbx_nonpoly_scheme.pdb_mon_id 
_pdbx_nonpoly_scheme.auth_mon_id 
_pdbx_nonpoly_scheme.pdb_strand_id 
_pdbx_nonpoly_scheme.pdb_ins_code 
B 2 HOH 1  101 1  HOH HOH A . 
B 2 HOH 2  102 2  HOH HOH A . 
B 2 HOH 3  103 3  HOH HOH A . 
B 2 HOH 4  104 4  HOH HOH A . 
B 2 HOH 5  105 5  HOH HOH A . 
B 2 HOH 6  106 6  HOH HOH A . 
B 2 HOH 7  107 7  HOH HOH A . 
B 2 HOH 8  108 8  HOH HOH A . 
B 2 HOH 9  109 9  HOH HOH A . 
B 2 HOH 10 110 10 HOH HOH A . 
B 2 HOH 11 111 11 HOH HOH A . 
B 2 HOH 12 112 12 HOH HOH A . 
B 2 HOH 13 113 13 HOH HOH A . 
B 2 HOH 14 114 14 HOH HOH A . 
B 2 HOH 15 115 15 HOH HOH A . 
B 2 HOH 16 116 16 HOH HOH A . 
B 2 HOH 17 117 17 HOH HOH A . 
B 2 HOH 18 118 18 HOH HOH A . 
B 2 HOH 19 119 19 HOH HOH A . 
B 2 HOH 20 120 20 HOH HOH A . 
B 2 HOH 21 121 21 HOH HOH A . 
B 2 HOH 22 122 22 HOH HOH A . 
B 2 HOH 23 123 23 HOH HOH A . 
B 2 HOH 24 124 24 HOH HOH A . 
B 2 HOH 25 125 25 HOH HOH A . 
B 2 HOH 26 126 26 HOH HOH A . 
B 2 HOH 27 127 27 HOH HOH A . 
B 2 HOH 28 128 28 HOH HOH A . 
B 2 HOH 29 129 29 HOH HOH A . 
B 2 HOH 30 130 30 HOH HOH A . 
B 2 HOH 31 131 31 HOH HOH A . 
B 2 HOH 32 132 32 HOH HOH A . 
B 2 HOH 33 133 33 HOH HOH A . 
B 2 HOH 34 134 34 HOH HOH A . 
B 2 HOH 35 135 35 HOH HOH A . 
B 2 HOH 36 136 36 HOH HOH A . 
B 2 HOH 37 137 37 HOH HOH A . 
B 2 HOH 38 138 38 HOH HOH A . 
B 2 HOH 39 139 39 HOH HOH A . 
B 2 HOH 40 140 40 HOH HOH A . 
B 2 HOH 41 141 41 HOH HOH A . 
B 2 HOH 42 142 42 HOH HOH A . 
B 2 HOH 43 143 43 HOH HOH A . 
B 2 HOH 44 144 44 HOH HOH A . 
B 2 HOH 45 145 45 HOH HOH A . 
B 2 HOH 46 146 46 HOH HOH A . 
B 2 HOH 47 147 47 HOH HOH A . 
B 2 HOH 48 148 48 HOH HOH A . 
B 2 HOH 49 149 49 HOH HOH A . 
B 2 HOH 50 150 50 HOH HOH A . 
B 2 HOH 51 151 51 HOH HOH A . 
B 2 HOH 52 152 52 HOH HOH A . 
B 2 HOH 53 153 53 HOH HOH A . 
B 2 HOH 54 154 54 HOH HOH A . 
# 
loop_
_software.name 
_software.classification 
_software.version 
_software.citation_id 
_software.pdbx_ordinal 
GDA    'data collection' .                           ? 1 
PHENIX 'model building'  '(phenix.refine: 1.9_1692)' ? 2 
PHENIX refinement        '(phenix.refine: 1.9_1692)' ? 3 
XDS    'data reduction'  .                           ? 4 
XSCALE 'data scaling'    .                           ? 5 
PHENIX phasing           1.9_1692                    ? 6 
# 
_cell.entry_id           4QKK 
_cell.length_a           44.393 
_cell.length_b           44.393 
_cell.length_c           46.254 
_cell.angle_alpha        90.00 
_cell.angle_beta         90.00 
_cell.angle_gamma        90.00 
_cell.Z_PDB              8 
_cell.pdbx_unique_axis   ? 
_cell.length_a_esd       ? 
_cell.length_b_esd       ? 
_cell.length_c_esd       ? 
_cell.angle_alpha_esd    ? 
_cell.angle_beta_esd     ? 
_cell.angle_gamma_esd    ? 
# 
_symmetry.entry_id                         4QKK 
_symmetry.space_group_name_H-M             'P 43 21 2' 
_symmetry.pdbx_full_space_group_name_H-M   ? 
_symmetry.cell_setting                     ? 
_symmetry.Int_Tables_number                96 
_symmetry.space_group_name_Hall            ? 
# 
_exptl.entry_id          4QKK 
_exptl.method            'X-RAY DIFFRACTION' 
_exptl.crystals_number   1 
# 
_exptl_crystal.id                    1 
_exptl_crystal.density_meas          ? 
_exptl_crystal.density_Matthews      3.04 
_exptl_crystal.density_percent_sol   59.55 
_exptl_crystal.description           ? 
_exptl_crystal.F_000                 ? 
_exptl_crystal.preparation           ? 
# 
_exptl_crystal_grow.crystal_id      1 
_exptl_crystal_grow.method          'VAPOR DIFFUSION, SITTING DROP' 
_exptl_crystal_grow.temp            293 
_exptl_crystal_grow.temp_details    ? 
_exptl_crystal_grow.pH              6.0 
_exptl_crystal_grow.pdbx_details    
'0.01M magnesium sulphate, 0.05M sodium cacodylate, 1.8M lithium sulphate, pH 6.0, VAPOR DIFFUSION, SITTING DROP, temperature 293K' 
_exptl_crystal_grow.pdbx_pH_range   . 
# 
_diffrn.id                     1 
_diffrn.ambient_temp           100 
_diffrn.ambient_temp_details   ? 
_diffrn.crystal_id             1 
# 
_diffrn_detector.diffrn_id              1 
_diffrn_detector.detector               PIXEL 
_diffrn_detector.type                   'DECTRIS PILATUS 6M' 
_diffrn_detector.pdbx_collection_date   2014-04-17 
_diffrn_detector.details                ? 
# 
_diffrn_radiation.diffrn_id                        1 
_diffrn_radiation.wavelength_id                    1 
_diffrn_radiation.pdbx_monochromatic_or_laue_m_l   M 
_diffrn_radiation.monochromator                    'double crystal' 
_diffrn_radiation.pdbx_diffrn_protocol             'SINGLE WAVELENGTH' 
_diffrn_radiation.pdbx_scattering_type             x-ray 
# 
_diffrn_radiation_wavelength.id           1 
_diffrn_radiation_wavelength.wavelength   0.9686 
_diffrn_radiation_wavelength.wt           1.0 
# 
_diffrn_source.diffrn_id                   1 
_diffrn_source.source                      SYNCHROTRON 
_diffrn_source.type                        'DIAMOND BEAMLINE I24' 
_diffrn_source.pdbx_synchrotron_site       Diamond 
_diffrn_source.pdbx_synchrotron_beamline   I24 
_diffrn_source.pdbx_wavelength             ? 
_diffrn_source.pdbx_wavelength_list        0.9686 
# 
_reflns.entry_id                     4QKK 
_reflns.observed_criterion_sigma_I   0.0 
_reflns.observed_criterion_sigma_F   0.0 
_reflns.d_resolution_low             46.25 
_reflns.d_resolution_high            1.4 
_reflns.number_obs                   9608 
_reflns.number_all                   9608 
_reflns.percent_possible_obs         100 
_reflns.pdbx_Rmerge_I_obs            0.06 
_reflns.pdbx_Rsym_value              0.06 
_reflns.pdbx_netI_over_sigmaI        19.3 
_reflns.B_iso_Wilson_estimate        22.9 
_reflns.pdbx_redundancy              12.1 
_reflns.R_free_details               ? 
_reflns.limit_h_max                  ? 
_reflns.limit_h_min                  ? 
_reflns.limit_k_max                  ? 
_reflns.limit_k_min                  ? 
_reflns.limit_l_max                  ? 
_reflns.limit_l_min                  ? 
_reflns.observed_criterion_F_max     ? 
_reflns.observed_criterion_F_min     ? 
_reflns.pdbx_chi_squared             ? 
_reflns.pdbx_scaling_rejects         ? 
_reflns.pdbx_ordinal                 1 
_reflns.pdbx_diffrn_id               1 
# 
_reflns_shell.d_res_high                  1.40 
_reflns_shell.d_res_low                   1.48 
_reflns_shell.percent_possible_all        100 
_reflns_shell.Rmerge_I_obs                0.1715 
_reflns_shell.pdbx_Rsym_value             0.1715 
_reflns_shell.meanI_over_sigI_obs         2.0 
_reflns_shell.pdbx_redundancy             12.2 
_reflns_shell.percent_possible_obs        ? 
_reflns_shell.number_unique_all           1347 
_reflns_shell.number_measured_all         ? 
_reflns_shell.number_measured_obs         ? 
_reflns_shell.number_unique_obs           ? 
_reflns_shell.pdbx_chi_squared            ? 
_reflns_shell.pdbx_rejects                ? 
_reflns_shell.pdbx_netI_over_sigmaI_obs   ? 
_reflns_shell.number_possible             ? 
_reflns_shell.Rmerge_F_all                ? 
_reflns_shell.Rmerge_F_obs                ? 
_reflns_shell.Rmerge_I_all                ? 
_reflns_shell.meanI_over_sigI_all         ? 
_reflns_shell.pdbx_Rrim_I_all             ? 
_reflns_shell.pdbx_Rpim_I_all             ? 
_reflns_shell.pdbx_ordinal                1 
_reflns_shell.pdbx_diffrn_id              1 
# 
_refine.entry_id                                 4QKK 
_refine.ls_number_reflns_obs                     9567 
_refine.ls_number_reflns_all                     9567 
_refine.pdbx_ls_sigma_I                          ? 
_refine.pdbx_ls_sigma_F                          1.34 
_refine.pdbx_data_cutoff_high_absF               ? 
_refine.pdbx_data_cutoff_low_absF                ? 
_refine.pdbx_data_cutoff_high_rms_absF           ? 
_refine.ls_d_res_low                             25.974 
_refine.ls_d_res_high                            1.400 
_refine.ls_percent_reflns_obs                    99.99 
_refine.ls_R_factor_obs                          0.1411 
_refine.ls_R_factor_all                          0.1411 
_refine.ls_R_factor_R_work                       0.1401 
_refine.ls_R_factor_R_free                       0.1593 
_refine.ls_R_factor_R_free_error                 ? 
_refine.ls_R_factor_R_free_error_details         ? 
_refine.ls_percent_reflns_R_free                 5.01 
_refine.ls_number_reflns_R_free                  479 
_refine.ls_number_parameters                     ? 
_refine.ls_number_restraints                     ? 
_refine.occupancy_min                            ? 
_refine.occupancy_max                            ? 
_refine.correlation_coeff_Fo_to_Fc               ? 
_refine.correlation_coeff_Fo_to_Fc_free          ? 
_refine.B_iso_mean                               ? 
_refine.aniso_B[1][1]                            ? 
_refine.aniso_B[2][2]                            ? 
_refine.aniso_B[3][3]                            ? 
_refine.aniso_B[1][2]                            ? 
_refine.aniso_B[1][3]                            ? 
_refine.aniso_B[2][3]                            ? 
_refine.solvent_model_details                    'FLAT BULK SOLVENT MODEL' 
_refine.solvent_model_param_ksol                 ? 
_refine.solvent_model_param_bsol                 ? 
_refine.pdbx_solvent_vdw_probe_radii             1.11 
_refine.pdbx_solvent_ion_probe_radii             ? 
_refine.pdbx_solvent_shrinkage_radii             0.90 
_refine.pdbx_ls_cross_valid_method               THROUGHOUT 
_refine.details                                  ? 
_refine.pdbx_starting_model                      ? 
_refine.pdbx_method_to_determine_struct          P-SAD 
_refine.pdbx_isotropic_thermal_model             ? 
_refine.pdbx_stereochemistry_target_values       ML 
_refine.pdbx_stereochem_target_val_spec_case     ? 
_refine.pdbx_R_Free_selection_details            Random 
_refine.pdbx_overall_ESU_R                       ? 
_refine.pdbx_overall_ESU_R_Free                  ? 
_refine.overall_SU_ML                            0.13 
_refine.pdbx_overall_phase_error                 27.42 
_refine.overall_SU_B                             ? 
_refine.overall_SU_R_Cruickshank_DPI             ? 
_refine.ls_redundancy_reflns_obs                 ? 
_refine.B_iso_min                                ? 
_refine.B_iso_max                                ? 
_refine.overall_SU_R_free                        ? 
_refine.ls_wR_factor_R_free                      ? 
_refine.ls_wR_factor_R_work                      ? 
_refine.overall_FOM_free_R_set                   ? 
_refine.overall_FOM_work_R_set                   ? 
_refine.pdbx_diffrn_id                           1 
_refine.pdbx_refine_id                           'X-RAY DIFFRACTION' 
_refine.pdbx_TLS_residual_ADP_flag               ? 
_refine.pdbx_overall_SU_R_free_Cruickshank_DPI   ? 
_refine.pdbx_overall_SU_R_Blow_DPI               ? 
_refine.pdbx_overall_SU_R_free_Blow_DPI          ? 
# 
_refine_hist.pdbx_refine_id                   'X-RAY DIFFRACTION' 
_refine_hist.cycle_id                         LAST 
_refine_hist.pdbx_number_atoms_protein        0 
_refine_hist.pdbx_number_atoms_nucleic_acid   249 
_refine_hist.pdbx_number_atoms_ligand         0 
_refine_hist.number_atoms_solvent             54 
_refine_hist.number_atoms_total               303 
_refine_hist.d_res_high                       1.400 
_refine_hist.d_res_low                        25.974 
# 
loop_
_refine_ls_restr.type 
_refine_ls_restr.dev_ideal 
_refine_ls_restr.dev_ideal_target 
_refine_ls_restr.weight 
_refine_ls_restr.number 
_refine_ls_restr.pdbx_restraint_function 
_refine_ls_restr.pdbx_refine_id 
f_bond_d           0.014  ? ? 278 ? 'X-RAY DIFFRACTION' 
f_angle_d          1.377  ? ? 427 ? 'X-RAY DIFFRACTION' 
f_dihedral_angle_d 23.801 ? ? 101 ? 'X-RAY DIFFRACTION' 
f_chiral_restr     0.080  ? ? 44  ? 'X-RAY DIFFRACTION' 
f_plane_restr      0.011  ? ? 12  ? 'X-RAY DIFFRACTION' 
# 
loop_
_refine_ls_shell.pdbx_refine_id 
_refine_ls_shell.pdbx_total_number_of_bins_used 
_refine_ls_shell.d_res_high 
_refine_ls_shell.d_res_low 
_refine_ls_shell.number_reflns_R_work 
_refine_ls_shell.R_factor_R_work 
_refine_ls_shell.percent_reflns_obs 
_refine_ls_shell.R_factor_R_free 
_refine_ls_shell.R_factor_R_free_error 
_refine_ls_shell.percent_reflns_R_free 
_refine_ls_shell.number_reflns_R_free 
_refine_ls_shell.number_reflns_all 
_refine_ls_shell.R_factor_all 
_refine_ls_shell.number_reflns_obs 
_refine_ls_shell.redundancy_reflns_obs 
'X-RAY DIFFRACTION' 3 1.4000 1.6026  2954 0.2104 100.00 0.2960 . . 152 . . . . 
'X-RAY DIFFRACTION' 3 1.6026 2.0190  2986 0.1631 100.00 0.1650 . . 162 . . . . 
'X-RAY DIFFRACTION' 3 2.0190 25.9784 3148 0.1288 100.00 0.1465 . . 165 . . . . 
# 
_struct.entry_id                  4QKK 
_struct.title                     'Crystal structure of an oligonucleotide containing 5-formylcytosine' 
_struct.pdbx_model_details        ? 
_struct.pdbx_CASP_flag            ? 
_struct.pdbx_model_type_details   ? 
# 
_struct_keywords.entry_id        4QKK 
_struct_keywords.pdbx_keywords   DNA 
_struct_keywords.text            
'Oligonucleotide, Epigenetic Ten-Eleven, Translocation proteins, Thymine DNA glycosylase, Formylcytosine, DNA' 
# 
loop_
_struct_asym.id 
_struct_asym.pdbx_blank_PDB_chainid_flag 
_struct_asym.pdbx_modified 
_struct_asym.entity_id 
_struct_asym.details 
A N N 1 ? 
B N N 2 ? 
# 
_struct_ref.id                         1 
_struct_ref.db_name                    PDB 
_struct_ref.db_code                    4QKK 
_struct_ref.pdbx_db_accession          4QKK 
_struct_ref.entity_id                  1 
_struct_ref.pdbx_align_begin           ? 
_struct_ref.pdbx_seq_one_letter_code   ? 
_struct_ref.pdbx_db_isoform            ? 
# 
_struct_ref_seq.align_id                      1 
_struct_ref_seq.ref_id                        1 
_struct_ref_seq.pdbx_PDB_id_code              4QKK 
_struct_ref_seq.pdbx_strand_id                A 
_struct_ref_seq.seq_align_beg                 1 
_struct_ref_seq.pdbx_seq_align_beg_ins_code   ? 
_struct_ref_seq.seq_align_end                 12 
_struct_ref_seq.pdbx_seq_align_end_ins_code   ? 
_struct_ref_seq.pdbx_db_accession             4QKK 
_struct_ref_seq.db_align_beg                  1 
_struct_ref_seq.pdbx_db_align_beg_ins_code    ? 
_struct_ref_seq.db_align_end                  12 
_struct_ref_seq.pdbx_db_align_end_ins_code    ? 
_struct_ref_seq.pdbx_auth_seq_align_beg       1 
_struct_ref_seq.pdbx_auth_seq_align_end       12 
# 
_pdbx_struct_assembly.id                   1 
_pdbx_struct_assembly.details              author_defined_assembly 
_pdbx_struct_assembly.method_details       ? 
_pdbx_struct_assembly.oligomeric_details   dimeric 
_pdbx_struct_assembly.oligomeric_count     2 
# 
_pdbx_struct_assembly_gen.assembly_id       1 
_pdbx_struct_assembly_gen.oper_expression   1,2 
_pdbx_struct_assembly_gen.asym_id_list      A,B 
# 
loop_
_pdbx_struct_oper_list.id 
_pdbx_struct_oper_list.type 
_pdbx_struct_oper_list.name 
_pdbx_struct_oper_list.symmetry_operation 
_pdbx_struct_oper_list.matrix[1][1] 
_pdbx_struct_oper_list.matrix[1][2] 
_pdbx_struct_oper_list.matrix[1][3] 
_pdbx_struct_oper_list.vector[1] 
_pdbx_struct_oper_list.matrix[2][1] 
_pdbx_struct_oper_list.matrix[2][2] 
_pdbx_struct_oper_list.matrix[2][3] 
_pdbx_struct_oper_list.vector[2] 
_pdbx_struct_oper_list.matrix[3][1] 
_pdbx_struct_oper_list.matrix[3][2] 
_pdbx_struct_oper_list.matrix[3][3] 
_pdbx_struct_oper_list.vector[3] 
1 'identity operation'         1_555 x,y,z            1.0000000000  0.0000000000  0.0000000000 0.0000000000  0.0000000000  1.0000000000 0.0000000000  0.0000000000  0.0000000000 0.0000000000  1.0000000000  0.0000000000  
2 'crystal symmetry operation' 8_665 -y+1,-x+1,-z+1/2 -0.9781087408 -0.1984840426 0.0625090078 -2.8376525333 -0.1984840426 0.7996185034 -0.5667577383 -1.4674346794 0.0625090078 -0.5667577383 -0.8215097626 -3.6657529576 
# 
loop_
_struct_conn.id 
_struct_conn.conn_type_id 
_struct_conn.pdbx_leaving_atom_flag 
_struct_conn.pdbx_PDB_id 
_struct_conn.ptnr1_label_asym_id 
_struct_conn.ptnr1_label_comp_id 
_struct_conn.ptnr1_label_seq_id 
_struct_conn.ptnr1_label_atom_id 
_struct_conn.pdbx_ptnr1_label_alt_id 
_struct_conn.pdbx_ptnr1_PDB_ins_code 
_struct_conn.pdbx_ptnr1_standard_comp_id 
_struct_conn.ptnr1_symmetry 
_struct_conn.ptnr2_label_asym_id 
_struct_conn.ptnr2_label_comp_id 
_struct_conn.ptnr2_label_seq_id 
_struct_conn.ptnr2_label_atom_id 
_struct_conn.pdbx_ptnr2_label_alt_id 
_struct_conn.pdbx_ptnr2_PDB_ins_code 
_struct_conn.ptnr1_auth_asym_id 
_struct_conn.ptnr1_auth_comp_id 
_struct_conn.ptnr1_auth_seq_id 
_struct_conn.ptnr2_auth_asym_id 
_struct_conn.ptnr2_auth_comp_id 
_struct_conn.ptnr2_auth_seq_id 
_struct_conn.ptnr2_symmetry 
_struct_conn.pdbx_ptnr3_label_atom_id 
_struct_conn.pdbx_ptnr3_label_seq_id 
_struct_conn.pdbx_ptnr3_label_comp_id 
_struct_conn.pdbx_ptnr3_label_asym_id 
_struct_conn.pdbx_ptnr3_label_alt_id 
_struct_conn.pdbx_ptnr3_PDB_ins_code 
_struct_conn.details 
_struct_conn.pdbx_dist_value 
_struct_conn.pdbx_value_order 
_struct_conn.pdbx_role 
covale1  covale both ? A DA  3  "O3'" ? ? ? 1_555 A 5FC 4  P  ? ? A DA  3  A 5FC 4  1_555 ? ? ? ? ? ? ?            1.605 ? ? 
covale2  covale both ? A 5FC 4  "O3'" ? ? ? 1_555 A DG  5  P  ? ? A 5FC 4  A DG  5  1_555 ? ? ? ? ? ? ?            1.620 ? ? 
covale3  covale both ? A DG  5  "O3'" ? ? ? 1_555 A 5FC 6  P  ? ? A DG  5  A 5FC 6  1_555 ? ? ? ? ? ? ?            1.592 ? ? 
covale4  covale both ? A 5FC 6  "O3'" ? ? ? 1_555 A DG  7  P  ? ? A 5FC 6  A DG  7  1_555 ? ? ? ? ? ? ?            1.617 ? ? 
covale5  covale both ? A DG  7  "O3'" ? ? ? 1_555 A 5FC 8  P  ? ? A DG  7  A 5FC 8  1_555 ? ? ? ? ? ? ?            1.609 ? ? 
covale6  covale both ? A 5FC 8  "O3'" ? ? ? 1_555 A DG  9  P  ? ? A 5FC 8  A DG  9  1_555 ? ? ? ? ? ? ?            1.611 ? ? 
hydrog1  hydrog ?    ? A DC  1  N3    ? ? ? 1_555 A DG  12 N1 ? ? A DC  1  A DG  12 8_665 ? ? ? ? ? ? WATSON-CRICK ?     ? ? 
hydrog2  hydrog ?    ? A DC  1  N4    ? ? ? 1_555 A DG  12 O6 ? ? A DC  1  A DG  12 8_665 ? ? ? ? ? ? WATSON-CRICK ?     ? ? 
hydrog3  hydrog ?    ? A DC  1  O2    ? ? ? 1_555 A DG  12 N2 ? ? A DC  1  A DG  12 8_665 ? ? ? ? ? ? WATSON-CRICK ?     ? ? 
hydrog4  hydrog ?    ? A DT  2  N3    ? ? ? 1_555 A DA  11 N1 ? ? A DT  2  A DA  11 8_665 ? ? ? ? ? ? WATSON-CRICK ?     ? ? 
hydrog5  hydrog ?    ? A DT  2  O4    ? ? ? 1_555 A DA  11 N6 ? ? A DT  2  A DA  11 8_665 ? ? ? ? ? ? WATSON-CRICK ?     ? ? 
hydrog6  hydrog ?    ? A DA  3  N1    ? ? ? 1_555 A DT  10 N3 ? ? A DA  3  A DT  10 8_665 ? ? ? ? ? ? WATSON-CRICK ?     ? ? 
hydrog7  hydrog ?    ? A DA  3  N6    ? ? ? 1_555 A DT  10 O4 ? ? A DA  3  A DT  10 8_665 ? ? ? ? ? ? WATSON-CRICK ?     ? ? 
hydrog8  hydrog ?    ? A 5FC 4  N3    ? ? ? 1_555 A DG  9  N1 ? ? A 5FC 4  A DG  9  8_665 ? ? ? ? ? ? WATSON-CRICK ?     ? ? 
hydrog9  hydrog ?    ? A 5FC 4  N4    ? ? ? 1_555 A DG  9  O6 ? ? A 5FC 4  A DG  9  8_665 ? ? ? ? ? ? WATSON-CRICK ?     ? ? 
hydrog10 hydrog ?    ? A 5FC 4  O2    ? ? ? 1_555 A DG  9  N2 ? ? A 5FC 4  A DG  9  8_665 ? ? ? ? ? ? WATSON-CRICK ?     ? ? 
hydrog11 hydrog ?    ? A DG  5  N1    ? ? ? 1_555 A 5FC 8  N3 ? ? A DG  5  A 5FC 8  8_665 ? ? ? ? ? ? WATSON-CRICK ?     ? ? 
hydrog12 hydrog ?    ? A DG  5  N2    ? ? ? 1_555 A 5FC 8  O2 ? ? A DG  5  A 5FC 8  8_665 ? ? ? ? ? ? WATSON-CRICK ?     ? ? 
hydrog13 hydrog ?    ? A DG  5  O6    ? ? ? 1_555 A 5FC 8  N4 ? ? A DG  5  A 5FC 8  8_665 ? ? ? ? ? ? WATSON-CRICK ?     ? ? 
hydrog14 hydrog ?    ? A 5FC 6  N3    ? ? ? 1_555 A DG  7  N1 ? ? A 5FC 6  A DG  7  8_665 ? ? ? ? ? ? WATSON-CRICK ?     ? ? 
hydrog15 hydrog ?    ? A 5FC 6  N4    ? ? ? 1_555 A DG  7  O6 ? ? A 5FC 6  A DG  7  8_665 ? ? ? ? ? ? WATSON-CRICK ?     ? ? 
hydrog16 hydrog ?    ? A 5FC 6  O2    ? ? ? 1_555 A DG  7  N2 ? ? A 5FC 6  A DG  7  8_665 ? ? ? ? ? ? WATSON-CRICK ?     ? ? 
hydrog17 hydrog ?    ? A DG  7  N1    ? ? ? 1_555 A 5FC 6  N3 ? ? A DG  7  A 5FC 6  8_665 ? ? ? ? ? ? WATSON-CRICK ?     ? ? 
hydrog18 hydrog ?    ? A DG  7  N2    ? ? ? 1_555 A 5FC 6  O2 ? ? A DG  7  A 5FC 6  8_665 ? ? ? ? ? ? WATSON-CRICK ?     ? ? 
hydrog19 hydrog ?    ? A DG  7  O6    ? ? ? 1_555 A 5FC 6  N4 ? ? A DG  7  A 5FC 6  8_665 ? ? ? ? ? ? WATSON-CRICK ?     ? ? 
hydrog20 hydrog ?    ? A 5FC 8  N3    ? ? ? 1_555 A DG  5  N1 ? ? A 5FC 8  A DG  5  8_665 ? ? ? ? ? ? WATSON-CRICK ?     ? ? 
hydrog21 hydrog ?    ? A 5FC 8  N4    ? ? ? 1_555 A DG  5  O6 ? ? A 5FC 8  A DG  5  8_665 ? ? ? ? ? ? WATSON-CRICK ?     ? ? 
hydrog22 hydrog ?    ? A 5FC 8  O2    ? ? ? 1_555 A DG  5  N2 ? ? A 5FC 8  A DG  5  8_665 ? ? ? ? ? ? WATSON-CRICK ?     ? ? 
hydrog23 hydrog ?    ? A DG  9  N1    ? ? ? 1_555 A 5FC 4  N3 ? ? A DG  9  A 5FC 4  8_665 ? ? ? ? ? ? WATSON-CRICK ?     ? ? 
hydrog24 hydrog ?    ? A DG  9  N2    ? ? ? 1_555 A 5FC 4  O2 ? ? A DG  9  A 5FC 4  8_665 ? ? ? ? ? ? WATSON-CRICK ?     ? ? 
hydrog25 hydrog ?    ? A DG  9  O6    ? ? ? 1_555 A 5FC 4  N4 ? ? A DG  9  A 5FC 4  8_665 ? ? ? ? ? ? WATSON-CRICK ?     ? ? 
hydrog26 hydrog ?    ? A DT  10 N3    ? ? ? 1_555 A DA  3  N1 ? ? A DT  10 A DA  3  8_665 ? ? ? ? ? ? WATSON-CRICK ?     ? ? 
hydrog27 hydrog ?    ? A DT  10 O4    ? ? ? 1_555 A DA  3  N6 ? ? A DT  10 A DA  3  8_665 ? ? ? ? ? ? WATSON-CRICK ?     ? ? 
hydrog28 hydrog ?    ? A DA  11 N1    ? ? ? 1_555 A DT  2  N3 ? ? A DA  11 A DT  2  8_665 ? ? ? ? ? ? WATSON-CRICK ?     ? ? 
hydrog29 hydrog ?    ? A DA  11 N6    ? ? ? 1_555 A DT  2  O4 ? ? A DA  11 A DT  2  8_665 ? ? ? ? ? ? WATSON-CRICK ?     ? ? 
hydrog30 hydrog ?    ? A DG  12 N1    ? ? ? 1_555 A DC  1  N3 ? ? A DG  12 A DC  1  8_665 ? ? ? ? ? ? WATSON-CRICK ?     ? ? 
hydrog31 hydrog ?    ? A DG  12 N2    ? ? ? 1_555 A DC  1  O2 ? ? A DG  12 A DC  1  8_665 ? ? ? ? ? ? WATSON-CRICK ?     ? ? 
hydrog32 hydrog ?    ? A DG  12 O6    ? ? ? 1_555 A DC  1  N4 ? ? A DG  12 A DC  1  8_665 ? ? ? ? ? ? WATSON-CRICK ?     ? ? 
# 
loop_
_struct_conn_type.id 
_struct_conn_type.criteria 
_struct_conn_type.reference 
covale ? ? 
hydrog ? ? 
# 
loop_
_pdbx_validate_rmsd_bond.id 
_pdbx_validate_rmsd_bond.PDB_model_num 
_pdbx_validate_rmsd_bond.auth_atom_id_1 
_pdbx_validate_rmsd_bond.auth_asym_id_1 
_pdbx_validate_rmsd_bond.auth_comp_id_1 
_pdbx_validate_rmsd_bond.auth_seq_id_1 
_pdbx_validate_rmsd_bond.PDB_ins_code_1 
_pdbx_validate_rmsd_bond.label_alt_id_1 
_pdbx_validate_rmsd_bond.auth_atom_id_2 
_pdbx_validate_rmsd_bond.auth_asym_id_2 
_pdbx_validate_rmsd_bond.auth_comp_id_2 
_pdbx_validate_rmsd_bond.auth_seq_id_2 
_pdbx_validate_rmsd_bond.PDB_ins_code_2 
_pdbx_validate_rmsd_bond.label_alt_id_2 
_pdbx_validate_rmsd_bond.bond_value 
_pdbx_validate_rmsd_bond.bond_target_value 
_pdbx_validate_rmsd_bond.bond_deviation 
_pdbx_validate_rmsd_bond.bond_standard_deviation 
_pdbx_validate_rmsd_bond.linker_flag 
1 1 "O3'" A DG 9  ? ? "C3'" A DG 9  ? ? 1.375 1.419 -0.044 0.006 N 
2 1 "O3'" A DT 10 ? ? "C3'" A DT 10 ? ? 1.377 1.419 -0.042 0.006 N 
# 
loop_
_pdbx_struct_mod_residue.id 
_pdbx_struct_mod_residue.label_asym_id 
_pdbx_struct_mod_residue.label_comp_id 
_pdbx_struct_mod_residue.label_seq_id 
_pdbx_struct_mod_residue.auth_asym_id 
_pdbx_struct_mod_residue.auth_comp_id 
_pdbx_struct_mod_residue.auth_seq_id 
_pdbx_struct_mod_residue.PDB_ins_code 
_pdbx_struct_mod_residue.parent_comp_id 
_pdbx_struct_mod_residue.details 
1 A 5FC 4 A 5FC 4 ? DC ? 
2 A 5FC 6 A 5FC 6 ? DC ? 
3 A 5FC 8 A 5FC 8 ? DC ? 
# 
loop_
_chem_comp_atom.comp_id 
_chem_comp_atom.atom_id 
_chem_comp_atom.type_symbol 
_chem_comp_atom.pdbx_aromatic_flag 
_chem_comp_atom.pdbx_stereo_config 
_chem_comp_atom.pdbx_ordinal 
5FC P      P N N 1   
5FC OP2    O N N 2   
5FC OP1    O N N 3   
5FC "O5'"  O N N 4   
5FC N1     N N N 5   
5FC C6     C N N 6   
5FC C2     C N N 7   
5FC O2     O N N 8   
5FC N3     N N N 9   
5FC C4     C N N 10  
5FC N4     N N N 11  
5FC C5     C N N 12  
5FC "C2'"  C N N 13  
5FC "C5'"  C N N 14  
5FC "C4'"  C N R 15  
5FC "O4'"  O N N 16  
5FC "C1'"  C N R 17  
5FC "C3'"  C N S 18  
5FC "O3'"  O N N 19  
5FC C5A    C N N 20  
5FC O5A    O N N 21  
5FC OP3    O N N 22  
5FC HOP2   H N N 23  
5FC H6     H N N 24  
5FC HN41   H N N 25  
5FC HN42   H N N 26  
5FC "H2'"  H N N 27  
5FC "H2''" H N N 28  
5FC "H5'"  H N N 29  
5FC "H5''" H N N 30  
5FC "H4'"  H N N 31  
5FC "H1'"  H N N 32  
5FC "H3'"  H N N 33  
5FC "HO3'" H N N 34  
5FC H5A    H N N 35  
5FC HOP3   H N N 36  
DA  OP3    O N N 37  
DA  P      P N N 38  
DA  OP1    O N N 39  
DA  OP2    O N N 40  
DA  "O5'"  O N N 41  
DA  "C5'"  C N N 42  
DA  "C4'"  C N R 43  
DA  "O4'"  O N N 44  
DA  "C3'"  C N S 45  
DA  "O3'"  O N N 46  
DA  "C2'"  C N N 47  
DA  "C1'"  C N R 48  
DA  N9     N Y N 49  
DA  C8     C Y N 50  
DA  N7     N Y N 51  
DA  C5     C Y N 52  
DA  C6     C Y N 53  
DA  N6     N N N 54  
DA  N1     N Y N 55  
DA  C2     C Y N 56  
DA  N3     N Y N 57  
DA  C4     C Y N 58  
DA  HOP3   H N N 59  
DA  HOP2   H N N 60  
DA  "H5'"  H N N 61  
DA  "H5''" H N N 62  
DA  "H4'"  H N N 63  
DA  "H3'"  H N N 64  
DA  "HO3'" H N N 65  
DA  "H2'"  H N N 66  
DA  "H2''" H N N 67  
DA  "H1'"  H N N 68  
DA  H8     H N N 69  
DA  H61    H N N 70  
DA  H62    H N N 71  
DA  H2     H N N 72  
DC  OP3    O N N 73  
DC  P      P N N 74  
DC  OP1    O N N 75  
DC  OP2    O N N 76  
DC  "O5'"  O N N 77  
DC  "C5'"  C N N 78  
DC  "C4'"  C N R 79  
DC  "O4'"  O N N 80  
DC  "C3'"  C N S 81  
DC  "O3'"  O N N 82  
DC  "C2'"  C N N 83  
DC  "C1'"  C N R 84  
DC  N1     N N N 85  
DC  C2     C N N 86  
DC  O2     O N N 87  
DC  N3     N N N 88  
DC  C4     C N N 89  
DC  N4     N N N 90  
DC  C5     C N N 91  
DC  C6     C N N 92  
DC  HOP3   H N N 93  
DC  HOP2   H N N 94  
DC  "H5'"  H N N 95  
DC  "H5''" H N N 96  
DC  "H4'"  H N N 97  
DC  "H3'"  H N N 98  
DC  "HO3'" H N N 99  
DC  "H2'"  H N N 100 
DC  "H2''" H N N 101 
DC  "H1'"  H N N 102 
DC  H41    H N N 103 
DC  H42    H N N 104 
DC  H5     H N N 105 
DC  H6     H N N 106 
DG  OP3    O N N 107 
DG  P      P N N 108 
DG  OP1    O N N 109 
DG  OP2    O N N 110 
DG  "O5'"  O N N 111 
DG  "C5'"  C N N 112 
DG  "C4'"  C N R 113 
DG  "O4'"  O N N 114 
DG  "C3'"  C N S 115 
DG  "O3'"  O N N 116 
DG  "C2'"  C N N 117 
DG  "C1'"  C N R 118 
DG  N9     N Y N 119 
DG  C8     C Y N 120 
DG  N7     N Y N 121 
DG  C5     C Y N 122 
DG  C6     C N N 123 
DG  O6     O N N 124 
DG  N1     N N N 125 
DG  C2     C N N 126 
DG  N2     N N N 127 
DG  N3     N N N 128 
DG  C4     C Y N 129 
DG  HOP3   H N N 130 
DG  HOP2   H N N 131 
DG  "H5'"  H N N 132 
DG  "H5''" H N N 133 
DG  "H4'"  H N N 134 
DG  "H3'"  H N N 135 
DG  "HO3'" H N N 136 
DG  "H2'"  H N N 137 
DG  "H2''" H N N 138 
DG  "H1'"  H N N 139 
DG  H8     H N N 140 
DG  H1     H N N 141 
DG  H21    H N N 142 
DG  H22    H N N 143 
DT  OP3    O N N 144 
DT  P      P N N 145 
DT  OP1    O N N 146 
DT  OP2    O N N 147 
DT  "O5'"  O N N 148 
DT  "C5'"  C N N 149 
DT  "C4'"  C N R 150 
DT  "O4'"  O N N 151 
DT  "C3'"  C N S 152 
DT  "O3'"  O N N 153 
DT  "C2'"  C N N 154 
DT  "C1'"  C N R 155 
DT  N1     N N N 156 
DT  C2     C N N 157 
DT  O2     O N N 158 
DT  N3     N N N 159 
DT  C4     C N N 160 
DT  O4     O N N 161 
DT  C5     C N N 162 
DT  C7     C N N 163 
DT  C6     C N N 164 
DT  HOP3   H N N 165 
DT  HOP2   H N N 166 
DT  "H5'"  H N N 167 
DT  "H5''" H N N 168 
DT  "H4'"  H N N 169 
DT  "H3'"  H N N 170 
DT  "HO3'" H N N 171 
DT  "H2'"  H N N 172 
DT  "H2''" H N N 173 
DT  "H1'"  H N N 174 
DT  H3     H N N 175 
DT  H71    H N N 176 
DT  H72    H N N 177 
DT  H73    H N N 178 
DT  H6     H N N 179 
HOH O      O N N 180 
HOH H1     H N N 181 
HOH H2     H N N 182 
# 
loop_
_chem_comp_bond.comp_id 
_chem_comp_bond.atom_id_1 
_chem_comp_bond.atom_id_2 
_chem_comp_bond.value_order 
_chem_comp_bond.pdbx_aromatic_flag 
_chem_comp_bond.pdbx_stereo_config 
_chem_comp_bond.pdbx_ordinal 
5FC P     OP2    sing N N 1   
5FC P     OP1    doub N N 2   
5FC P     "O5'"  sing N N 3   
5FC P     OP3    sing N N 4   
5FC OP2   HOP2   sing N N 5   
5FC "O5'" "C5'"  sing N N 6   
5FC N1    C6     sing N N 7   
5FC N1    C2     sing N N 8   
5FC N1    "C1'"  sing N N 9   
5FC C6    C5     doub N N 10  
5FC C6    H6     sing N N 11  
5FC C2    O2     doub N N 12  
5FC C2    N3     sing N N 13  
5FC N3    C4     doub N N 14  
5FC C4    N4     sing N N 15  
5FC C4    C5     sing N N 16  
5FC N4    HN41   sing N N 17  
5FC N4    HN42   sing N N 18  
5FC C5    C5A    sing N N 19  
5FC "C2'" "C1'"  sing N N 20  
5FC "C2'" "C3'"  sing N N 21  
5FC "C2'" "H2'"  sing N N 22  
5FC "C2'" "H2''" sing N N 23  
5FC "C5'" "C4'"  sing N N 24  
5FC "C5'" "H5'"  sing N N 25  
5FC "C5'" "H5''" sing N N 26  
5FC "C4'" "O4'"  sing N N 27  
5FC "C4'" "C3'"  sing N N 28  
5FC "C4'" "H4'"  sing N N 29  
5FC "O4'" "C1'"  sing N N 30  
5FC "C1'" "H1'"  sing N N 31  
5FC "C3'" "O3'"  sing N N 32  
5FC "C3'" "H3'"  sing N N 33  
5FC "O3'" "HO3'" sing N N 34  
5FC C5A   O5A    doub N N 35  
5FC C5A   H5A    sing N N 36  
5FC OP3   HOP3   sing N N 37  
DA  OP3   P      sing N N 38  
DA  OP3   HOP3   sing N N 39  
DA  P     OP1    doub N N 40  
DA  P     OP2    sing N N 41  
DA  P     "O5'"  sing N N 42  
DA  OP2   HOP2   sing N N 43  
DA  "O5'" "C5'"  sing N N 44  
DA  "C5'" "C4'"  sing N N 45  
DA  "C5'" "H5'"  sing N N 46  
DA  "C5'" "H5''" sing N N 47  
DA  "C4'" "O4'"  sing N N 48  
DA  "C4'" "C3'"  sing N N 49  
DA  "C4'" "H4'"  sing N N 50  
DA  "O4'" "C1'"  sing N N 51  
DA  "C3'" "O3'"  sing N N 52  
DA  "C3'" "C2'"  sing N N 53  
DA  "C3'" "H3'"  sing N N 54  
DA  "O3'" "HO3'" sing N N 55  
DA  "C2'" "C1'"  sing N N 56  
DA  "C2'" "H2'"  sing N N 57  
DA  "C2'" "H2''" sing N N 58  
DA  "C1'" N9     sing N N 59  
DA  "C1'" "H1'"  sing N N 60  
DA  N9    C8     sing Y N 61  
DA  N9    C4     sing Y N 62  
DA  C8    N7     doub Y N 63  
DA  C8    H8     sing N N 64  
DA  N7    C5     sing Y N 65  
DA  C5    C6     sing Y N 66  
DA  C5    C4     doub Y N 67  
DA  C6    N6     sing N N 68  
DA  C6    N1     doub Y N 69  
DA  N6    H61    sing N N 70  
DA  N6    H62    sing N N 71  
DA  N1    C2     sing Y N 72  
DA  C2    N3     doub Y N 73  
DA  C2    H2     sing N N 74  
DA  N3    C4     sing Y N 75  
DC  OP3   P      sing N N 76  
DC  OP3   HOP3   sing N N 77  
DC  P     OP1    doub N N 78  
DC  P     OP2    sing N N 79  
DC  P     "O5'"  sing N N 80  
DC  OP2   HOP2   sing N N 81  
DC  "O5'" "C5'"  sing N N 82  
DC  "C5'" "C4'"  sing N N 83  
DC  "C5'" "H5'"  sing N N 84  
DC  "C5'" "H5''" sing N N 85  
DC  "C4'" "O4'"  sing N N 86  
DC  "C4'" "C3'"  sing N N 87  
DC  "C4'" "H4'"  sing N N 88  
DC  "O4'" "C1'"  sing N N 89  
DC  "C3'" "O3'"  sing N N 90  
DC  "C3'" "C2'"  sing N N 91  
DC  "C3'" "H3'"  sing N N 92  
DC  "O3'" "HO3'" sing N N 93  
DC  "C2'" "C1'"  sing N N 94  
DC  "C2'" "H2'"  sing N N 95  
DC  "C2'" "H2''" sing N N 96  
DC  "C1'" N1     sing N N 97  
DC  "C1'" "H1'"  sing N N 98  
DC  N1    C2     sing N N 99  
DC  N1    C6     sing N N 100 
DC  C2    O2     doub N N 101 
DC  C2    N3     sing N N 102 
DC  N3    C4     doub N N 103 
DC  C4    N4     sing N N 104 
DC  C4    C5     sing N N 105 
DC  N4    H41    sing N N 106 
DC  N4    H42    sing N N 107 
DC  C5    C6     doub N N 108 
DC  C5    H5     sing N N 109 
DC  C6    H6     sing N N 110 
DG  OP3   P      sing N N 111 
DG  OP3   HOP3   sing N N 112 
DG  P     OP1    doub N N 113 
DG  P     OP2    sing N N 114 
DG  P     "O5'"  sing N N 115 
DG  OP2   HOP2   sing N N 116 
DG  "O5'" "C5'"  sing N N 117 
DG  "C5'" "C4'"  sing N N 118 
DG  "C5'" "H5'"  sing N N 119 
DG  "C5'" "H5''" sing N N 120 
DG  "C4'" "O4'"  sing N N 121 
DG  "C4'" "C3'"  sing N N 122 
DG  "C4'" "H4'"  sing N N 123 
DG  "O4'" "C1'"  sing N N 124 
DG  "C3'" "O3'"  sing N N 125 
DG  "C3'" "C2'"  sing N N 126 
DG  "C3'" "H3'"  sing N N 127 
DG  "O3'" "HO3'" sing N N 128 
DG  "C2'" "C1'"  sing N N 129 
DG  "C2'" "H2'"  sing N N 130 
DG  "C2'" "H2''" sing N N 131 
DG  "C1'" N9     sing N N 132 
DG  "C1'" "H1'"  sing N N 133 
DG  N9    C8     sing Y N 134 
DG  N9    C4     sing Y N 135 
DG  C8    N7     doub Y N 136 
DG  C8    H8     sing N N 137 
DG  N7    C5     sing Y N 138 
DG  C5    C6     sing N N 139 
DG  C5    C4     doub Y N 140 
DG  C6    O6     doub N N 141 
DG  C6    N1     sing N N 142 
DG  N1    C2     sing N N 143 
DG  N1    H1     sing N N 144 
DG  C2    N2     sing N N 145 
DG  C2    N3     doub N N 146 
DG  N2    H21    sing N N 147 
DG  N2    H22    sing N N 148 
DG  N3    C4     sing N N 149 
DT  OP3   P      sing N N 150 
DT  OP3   HOP3   sing N N 151 
DT  P     OP1    doub N N 152 
DT  P     OP2    sing N N 153 
DT  P     "O5'"  sing N N 154 
DT  OP2   HOP2   sing N N 155 
DT  "O5'" "C5'"  sing N N 156 
DT  "C5'" "C4'"  sing N N 157 
DT  "C5'" "H5'"  sing N N 158 
DT  "C5'" "H5''" sing N N 159 
DT  "C4'" "O4'"  sing N N 160 
DT  "C4'" "C3'"  sing N N 161 
DT  "C4'" "H4'"  sing N N 162 
DT  "O4'" "C1'"  sing N N 163 
DT  "C3'" "O3'"  sing N N 164 
DT  "C3'" "C2'"  sing N N 165 
DT  "C3'" "H3'"  sing N N 166 
DT  "O3'" "HO3'" sing N N 167 
DT  "C2'" "C1'"  sing N N 168 
DT  "C2'" "H2'"  sing N N 169 
DT  "C2'" "H2''" sing N N 170 
DT  "C1'" N1     sing N N 171 
DT  "C1'" "H1'"  sing N N 172 
DT  N1    C2     sing N N 173 
DT  N1    C6     sing N N 174 
DT  C2    O2     doub N N 175 
DT  C2    N3     sing N N 176 
DT  N3    C4     sing N N 177 
DT  N3    H3     sing N N 178 
DT  C4    O4     doub N N 179 
DT  C4    C5     sing N N 180 
DT  C5    C7     sing N N 181 
DT  C5    C6     doub N N 182 
DT  C7    H71    sing N N 183 
DT  C7    H72    sing N N 184 
DT  C7    H73    sing N N 185 
DT  C6    H6     sing N N 186 
HOH O     H1     sing N N 187 
HOH O     H2     sing N N 188 
# 
loop_
_ndb_struct_conf_na.entry_id 
_ndb_struct_conf_na.feature 
4QKK 'double helix'        
4QKK 'a-form double helix' 
# 
loop_
_ndb_struct_na_base_pair.model_number 
_ndb_struct_na_base_pair.i_label_asym_id 
_ndb_struct_na_base_pair.i_label_comp_id 
_ndb_struct_na_base_pair.i_label_seq_id 
_ndb_struct_na_base_pair.i_symmetry 
_ndb_struct_na_base_pair.j_label_asym_id 
_ndb_struct_na_base_pair.j_label_comp_id 
_ndb_struct_na_base_pair.j_label_seq_id 
_ndb_struct_na_base_pair.j_symmetry 
_ndb_struct_na_base_pair.shear 
_ndb_struct_na_base_pair.stretch 
_ndb_struct_na_base_pair.stagger 
_ndb_struct_na_base_pair.buckle 
_ndb_struct_na_base_pair.propeller 
_ndb_struct_na_base_pair.opening 
_ndb_struct_na_base_pair.pair_number 
_ndb_struct_na_base_pair.pair_name 
_ndb_struct_na_base_pair.i_auth_asym_id 
_ndb_struct_na_base_pair.i_auth_seq_id 
_ndb_struct_na_base_pair.i_PDB_ins_code 
_ndb_struct_na_base_pair.j_auth_asym_id 
_ndb_struct_na_base_pair.j_auth_seq_id 
_ndb_struct_na_base_pair.j_PDB_ins_code 
_ndb_struct_na_base_pair.hbond_type_28 
_ndb_struct_na_base_pair.hbond_type_12 
1 A DC  1  1_555 A DG  12 8_665 0.038  -0.034 0.359  -27.504 9.561   1.771  1  A_DC1:DG12_A A 1  ? A 12 ? 19 1 
1 A DT  2  1_555 A DA  11 8_665 -0.118 -0.184 0.076  12.127  11.690  -1.367 2  A_DT2:DA11_A A 2  ? A 11 ? 20 1 
1 A DA  3  1_555 A DT  10 8_665 0.071  -0.066 0.132  17.712  -16.393 1.330  3  A_DA3:DT10_A A 3  ? A 10 ? 20 1 
1 A 5FC 4  1_555 A DG  9  8_665 0.264  -0.095 -0.203 15.739  -18.267 1.845  4  A_5FC4:DG9_A A 4  ? A 9  ? 19 1 
1 A DG  5  1_555 A 5FC 8  8_665 -0.243 -0.091 -0.014 -4.947  -10.426 1.686  5  A_DG5:5FC8_A A 5  ? A 8  ? 19 1 
1 A 5FC 6  1_555 A DG  7  8_665 0.105  -0.106 0.021  1.070   -8.892  -0.419 6  A_5FC6:DG7_A A 6  ? A 7  ? 19 1 
1 A DG  7  1_555 A 5FC 6  8_665 -0.105 -0.106 0.021  -1.070  -8.892  -0.419 7  A_DG7:5FC6_A A 7  ? A 6  ? 19 1 
1 A 5FC 8  1_555 A DG  5  8_665 0.243  -0.091 -0.014 4.947   -10.427 1.686  8  A_5FC8:DG5_A A 8  ? A 5  ? 19 1 
1 A DG  9  1_555 A 5FC 4  8_665 -0.264 -0.095 -0.203 -15.739 -18.267 1.845  9  A_DG9:5FC4_A A 9  ? A 4  ? 19 1 
1 A DT  10 1_555 A DA  3  8_665 -0.071 -0.066 0.132  -17.712 -16.393 1.330  10 A_DT10:DA3_A A 10 ? A 3  ? 20 1 
1 A DA  11 1_555 A DT  2  8_665 0.118  -0.184 0.076  -12.127 11.690  -1.367 11 A_DA11:DT2_A A 11 ? A 2  ? 20 1 
1 A DG  12 1_555 A DC  1  8_665 -0.038 -0.034 0.359  27.504  9.561   1.771  12 A_DG12:DC1_A A 12 ? A 1  ? 19 1 
# 
loop_
_ndb_struct_na_base_pair_step.model_number 
_ndb_struct_na_base_pair_step.i_label_asym_id_1 
_ndb_struct_na_base_pair_step.i_label_comp_id_1 
_ndb_struct_na_base_pair_step.i_label_seq_id_1 
_ndb_struct_na_base_pair_step.i_symmetry_1 
_ndb_struct_na_base_pair_step.j_label_asym_id_1 
_ndb_struct_na_base_pair_step.j_label_comp_id_1 
_ndb_struct_na_base_pair_step.j_label_seq_id_1 
_ndb_struct_na_base_pair_step.j_symmetry_1 
_ndb_struct_na_base_pair_step.i_label_asym_id_2 
_ndb_struct_na_base_pair_step.i_label_comp_id_2 
_ndb_struct_na_base_pair_step.i_label_seq_id_2 
_ndb_struct_na_base_pair_step.i_symmetry_2 
_ndb_struct_na_base_pair_step.j_label_asym_id_2 
_ndb_struct_na_base_pair_step.j_label_comp_id_2 
_ndb_struct_na_base_pair_step.j_label_seq_id_2 
_ndb_struct_na_base_pair_step.j_symmetry_2 
_ndb_struct_na_base_pair_step.shift 
_ndb_struct_na_base_pair_step.slide 
_ndb_struct_na_base_pair_step.rise 
_ndb_struct_na_base_pair_step.tilt 
_ndb_struct_na_base_pair_step.roll 
_ndb_struct_na_base_pair_step.twist 
_ndb_struct_na_base_pair_step.x_displacement 
_ndb_struct_na_base_pair_step.y_displacement 
_ndb_struct_na_base_pair_step.helical_rise 
_ndb_struct_na_base_pair_step.inclination 
_ndb_struct_na_base_pair_step.tip 
_ndb_struct_na_base_pair_step.helical_twist 
_ndb_struct_na_base_pair_step.step_number 
_ndb_struct_na_base_pair_step.step_name 
_ndb_struct_na_base_pair_step.i_auth_asym_id_1 
_ndb_struct_na_base_pair_step.i_auth_seq_id_1 
_ndb_struct_na_base_pair_step.i_PDB_ins_code_1 
_ndb_struct_na_base_pair_step.j_auth_asym_id_1 
_ndb_struct_na_base_pair_step.j_auth_seq_id_1 
_ndb_struct_na_base_pair_step.j_PDB_ins_code_1 
_ndb_struct_na_base_pair_step.i_auth_asym_id_2 
_ndb_struct_na_base_pair_step.i_auth_seq_id_2 
_ndb_struct_na_base_pair_step.i_PDB_ins_code_2 
_ndb_struct_na_base_pair_step.j_auth_asym_id_2 
_ndb_struct_na_base_pair_step.j_auth_seq_id_2 
_ndb_struct_na_base_pair_step.j_PDB_ins_code_2 
1 A DC  1  1_555 A DG  12 8_665 A DT  2  1_555 A DA  11 8_665 -0.848 1.230  2.740 1.118  13.210 10.109 -4.791 3.693  2.583 52.643 
-4.454 16.658 1  AA_DC1DT2:DA11DG12_AA A 1  ? A 12 ? A 2  ? A 11 ? 
1 A DT  2  1_555 A DA  11 8_665 A DA  3  1_555 A DT  10 8_665 -0.181 -0.757 3.216 -3.401 10.031 25.739 -3.856 -0.396 2.735 21.400 
7.255  27.799 2  AA_DT2DA3:DT10DA11_AA A 2  ? A 11 ? A 3  ? A 10 ? 
1 A DA  3  1_555 A DT  10 8_665 A 5FC 4  1_555 A DG  9  8_665 0.279  -1.343 3.322 1.107  5.157  36.779 -2.790 -0.291 3.118 8.122  
-1.743 37.143 3  AA_DA35FC4:DG9DT10_AA A 3  ? A 10 ? A 4  ? A 9  ? 
1 A 5FC 4  1_555 A DG  9  8_665 A DG  5  1_555 A 5FC 8  8_665 -0.508 -2.055 3.695 -4.745 12.390 26.576 -6.656 -0.020 2.556 25.064 
9.598  29.651 4  AA_5FC4DG5:5FC8DG9_AA A 4  ? A 9  ? A 5  ? A 8  ? 
1 A DG  5  1_555 A 5FC 8  8_665 A 5FC 6  1_555 A DG  7  8_665 -0.674 -1.479 3.134 -2.103 3.749  36.275 -2.848 0.803  3.005 5.996  
3.363  36.520 5  AA_DG55FC6:DG75FC8_AA A 5  ? A 8  ? A 6  ? A 7  ? 
1 A 5FC 6  1_555 A DG  7  8_665 A DG  7  1_555 A 5FC 6  8_665 0.000  -1.532 3.268 0.000  16.149 26.184 -5.670 0.000  2.005 32.059 
0.000  30.689 6  AA_5FC6DG7:5FC6DG7_AA A 6  ? A 7  ? A 7  ? A 6  ? 
1 A DG  7  1_555 A 5FC 6  8_665 A 5FC 8  1_555 A DG  5  8_665 0.674  -1.479 3.134 2.103  3.749  36.275 -2.848 -0.803 3.005 5.996  
-3.363 36.520 7  AA_DG75FC8:DG55FC6_AA A 7  ? A 6  ? A 8  ? A 5  ? 
1 A 5FC 8  1_555 A DG  5  8_665 A DG  9  1_555 A 5FC 4  8_665 0.508  -2.055 3.695 4.745  12.390 26.576 -6.656 0.020  2.556 25.064 
-9.598 29.650 8  AA_5FC8DG9:5FC4DG5_AA A 8  ? A 5  ? A 9  ? A 4  ? 
1 A DG  9  1_555 A 5FC 4  8_665 A DT  10 1_555 A DA  3  8_665 -0.279 -1.343 3.322 -1.107 5.157  36.779 -2.790 0.291  3.118 8.122  
1.743  37.143 9  AA_DG9DT10:DA35FC4_AA A 9  ? A 4  ? A 10 ? A 3  ? 
1 A DT  10 1_555 A DA  3  8_665 A DA  11 1_555 A DT  2  8_665 0.181  -0.757 3.216 3.401  10.031 25.739 -3.856 0.396  2.735 21.400 
-7.255 27.799 10 AA_DT10DA11:DT2DA3_AA A 10 ? A 3  ? A 11 ? A 2  ? 
1 A DA  11 1_555 A DT  2  8_665 A DG  12 1_555 A DC  1  8_665 0.848  1.230  2.740 -1.118 13.210 10.109 -4.791 -3.693 2.583 52.643 
4.454  16.658 11 AA_DA11DG12:DC1DT2_AA A 11 ? A 2  ? A 12 ? A 1  ? 
# 
_atom_sites.entry_id                    4QKK 
_atom_sites.fract_transf_matrix[1][1]   0.01737169 
_atom_sites.fract_transf_matrix[1][2]   -0.01290868 
_atom_sites.fract_transf_matrix[1][3]   0.00624588 
_atom_sites.fract_transf_matrix[2][1]   0.01403882 
_atom_sites.fract_transf_matrix[2][2]   0.01730992 
_atom_sites.fract_transf_matrix[2][3]   -0.00327093 
_atom_sites.fract_transf_matrix[3][1]   -0.00280751 
_atom_sites.fract_transf_matrix[3][2]   0.00615707 
_atom_sites.fract_transf_matrix[3][3]   0.02053370 
_atom_sites.fract_transf_vector[1]      0.267218 
_atom_sites.fract_transf_vector[2]      0.786027 
_atom_sites.fract_transf_vector[3]      0.288173 
# 
loop_
_atom_type.symbol 
C 
H 
N 
O 
P 
# 
loop_
_atom_site.group_PDB 
_atom_site.id 
_atom_site.type_symbol 
_atom_site.label_atom_id 
_atom_site.label_alt_id 
_atom_site.label_comp_id 
_atom_site.label_asym_id 
_atom_site.label_entity_id 
_atom_site.label_seq_id 
_atom_site.pdbx_PDB_ins_code 
_atom_site.Cartn_x 
_atom_site.Cartn_y 
_atom_site.Cartn_z 
_atom_site.occupancy 
_atom_site.B_iso_or_equiv 
_atom_site.pdbx_formal_charge 
_atom_site.auth_seq_id 
_atom_site.auth_comp_id 
_atom_site.auth_asym_id 
_atom_site.auth_atom_id 
_atom_site.pdbx_PDB_model_num 
ATOM   1   O "O5'"  . DC  A 1 1  ? -3.741  0.644  -17.239 1.00 33.74 ? 1   DC  A "O5'"  1 
ATOM   2   C "C5'"  . DC  A 1 1  ? -4.395  1.531  -16.359 1.00 30.36 ? 1   DC  A "C5'"  1 
ATOM   3   C "C4'"  . DC  A 1 1  ? -5.422  2.356  -17.096 1.00 26.91 ? 1   DC  A "C4'"  1 
ATOM   4   O "O4'"  . DC  A 1 1  ? -6.415  1.490  -17.684 1.00 27.50 ? 1   DC  A "O4'"  1 
ATOM   5   C "C3'"  . DC  A 1 1  ? -6.194  3.311  -16.224 1.00 25.12 ? 1   DC  A "C3'"  1 
ATOM   6   O "O3'"  . DC  A 1 1  ? -6.518  4.468  -16.947 1.00 24.83 ? 1   DC  A "O3'"  1 
ATOM   7   C "C2'"  . DC  A 1 1  ? -7.427  2.514  -15.794 1.00 25.66 ? 1   DC  A "C2'"  1 
ATOM   8   C "C1'"  . DC  A 1 1  ? -7.575  1.454  -16.877 1.00 25.15 ? 1   DC  A "C1'"  1 
ATOM   9   N N1     . DC  A 1 1  ? -7.744  0.073  -16.342 1.00 23.42 ? 1   DC  A N1     1 
ATOM   10  C C2     . DC  A 1 1  ? -8.922  -0.266 -15.683 1.00 22.49 ? 1   DC  A C2     1 
ATOM   11  O O2     . DC  A 1 1  ? -9.794  0.596  -15.544 1.00 24.57 ? 1   DC  A O2     1 
ATOM   12  N N3     . DC  A 1 1  ? -9.084  -1.527 -15.229 1.00 23.12 ? 1   DC  A N3     1 
ATOM   13  C C4     . DC  A 1 1  ? -8.121  -2.420 -15.402 1.00 25.80 ? 1   DC  A C4     1 
ATOM   14  N N4     . DC  A 1 1  ? -8.322  -3.654 -14.940 1.00 26.41 ? 1   DC  A N4     1 
ATOM   15  C C5     . DC  A 1 1  ? -6.908  -2.092 -16.068 1.00 26.23 ? 1   DC  A C5     1 
ATOM   16  C C6     . DC  A 1 1  ? -6.764  -0.849 -16.517 1.00 24.41 ? 1   DC  A C6     1 
ATOM   17  H "H5'"  . DC  A 1 1  ? -3.740  2.122  -15.956 1.00 36.43 ? 1   DC  A "H5'"  1 
ATOM   18  H "H5''" . DC  A 1 1  ? -4.837  1.021  -15.662 1.00 36.43 ? 1   DC  A "H5''" 1 
ATOM   19  H "H4'"  . DC  A 1 1  ? -4.980  2.856  -17.800 1.00 32.29 ? 1   DC  A "H4'"  1 
ATOM   20  H "H3'"  . DC  A 1 1  ? -5.665  3.546  -15.446 1.00 30.14 ? 1   DC  A "H3'"  1 
ATOM   21  H "H2'"  . DC  A 1 1  ? -7.279  2.098  -14.930 1.00 30.79 ? 1   DC  A "H2'"  1 
ATOM   22  H "H2''" . DC  A 1 1  ? -8.209  3.086  -15.768 1.00 30.79 ? 1   DC  A "H2''" 1 
ATOM   23  H "H1'"  . DC  A 1 1  ? -8.345  1.673  -17.425 1.00 30.18 ? 1   DC  A "H1'"  1 
ATOM   24  H H41    . DC  A 1 1  ? -7.716  -4.254 -15.038 1.00 31.70 ? 1   DC  A H41    1 
ATOM   25  H H42    . DC  A 1 1  ? -9.061  -3.849 -14.543 1.00 31.70 ? 1   DC  A H42    1 
ATOM   26  H H5     . DC  A 1 1  ? -6.241  -2.728 -16.190 1.00 31.47 ? 1   DC  A H5     1 
ATOM   27  H H6     . DC  A 1 1  ? -5.985  -0.610 -16.965 1.00 29.30 ? 1   DC  A H6     1 
ATOM   28  H "HO5'" . DC  A 1 1  ? -3.107  0.167  -16.961 1.00 40.49 ? 1   DC  A "HO5'" 1 
ATOM   29  P P      . DT  A 1 2  ? -5.577  5.760  -16.788 1.00 25.90 ? 2   DT  A P      1 
ATOM   30  O OP1    . DT  A 1 2  ? -6.220  6.861  -17.545 1.00 27.25 ? 2   DT  A OP1    1 
ATOM   31  O OP2    . DT  A 1 2  ? -4.183  5.386  -17.097 1.00 27.94 ? 2   DT  A OP2    1 
ATOM   32  O "O5'"  . DT  A 1 2  ? -5.647  6.073  -15.237 1.00 27.11 ? 2   DT  A "O5'"  1 
ATOM   33  C "C5'"  . DT  A 1 2  ? -6.865  6.465  -14.674 1.00 25.21 ? 2   DT  A "C5'"  1 
ATOM   34  C "C4'"  . DT  A 1 2  ? -6.991  5.929  -13.270 1.00 25.51 ? 2   DT  A "C4'"  1 
ATOM   35  O "O4'"  . DT  A 1 2  ? -7.254  4.506  -13.284 1.00 23.45 ? 2   DT  A "O4'"  1 
ATOM   36  C "C3'"  . DT  A 1 2  ? -5.744  6.093  -12.400 1.00 25.47 ? 2   DT  A "C3'"  1 
ATOM   37  O "O3'"  . DT  A 1 2  ? -6.103  6.778  -11.244 1.00 29.86 ? 2   DT  A "O3'"  1 
ATOM   38  C "C2'"  . DT  A 1 2  ? -5.314  4.651  -12.110 1.00 24.36 ? 2   DT  A "C2'"  1 
ATOM   39  C "C1'"  . DT  A 1 2  ? -6.662  3.979  -12.132 1.00 22.66 ? 2   DT  A "C1'"  1 
ATOM   40  N N1     . DT  A 1 2  ? -6.698  2.523  -12.239 1.00 22.79 ? 2   DT  A N1     1 
ATOM   41  C C2     . DT  A 1 2  ? -7.892  1.911  -12.017 1.00 22.86 ? 2   DT  A C2     1 
ATOM   42  O O2     . DT  A 1 2  ? -8.891  2.514  -11.682 1.00 22.42 ? 2   DT  A O2     1 
ATOM   43  N N3     . DT  A 1 2  ? -7.883  0.567  -12.159 1.00 22.36 ? 2   DT  A N3     1 
ATOM   44  C C4     . DT  A 1 2  ? -6.824  -0.220 -12.504 1.00 24.26 ? 2   DT  A C4     1 
ATOM   45  O O4     . DT  A 1 2  ? -6.938  -1.421 -12.617 1.00 24.78 ? 2   DT  A O4     1 
ATOM   46  C C5     . DT  A 1 2  ? -5.586  0.477  -12.744 1.00 24.88 ? 2   DT  A C5     1 
ATOM   47  C C7     . DT  A 1 2  ? -4.354  -0.283 -13.131 1.00 25.50 ? 2   DT  A C7     1 
ATOM   48  C C6     . DT  A 1 2  ? -5.584  1.813  -12.606 1.00 24.00 ? 2   DT  A C6     1 
ATOM   49  H "H5'"  . DT  A 1 2  ? -7.593  6.123  -15.214 1.00 30.26 ? 2   DT  A "H5'"  1 
ATOM   50  H "H5''" . DT  A 1 2  ? -6.911  7.433  -14.652 1.00 30.26 ? 2   DT  A "H5''" 1 
ATOM   51  H "H4'"  . DT  A 1 2  ? -7.734  6.377  -12.834 1.00 30.61 ? 2   DT  A "H4'"  1 
ATOM   52  H "H3'"  . DT  A 1 2  ? -5.050  6.568  -12.883 1.00 30.57 ? 2   DT  A "H3'"  1 
ATOM   53  H "H2'"  . DT  A 1 2  ? -4.738  4.308  -12.811 1.00 29.23 ? 2   DT  A "H2'"  1 
ATOM   54  H "H2''" . DT  A 1 2  ? -4.899  4.577  -11.237 1.00 29.23 ? 2   DT  A "H2''" 1 
ATOM   55  H "H1'"  . DT  A 1 2  ? -7.171  4.256  -11.355 1.00 27.19 ? 2   DT  A "H1'"  1 
ATOM   56  H H3     . DT  A 1 2  ? -8.627  0.162  -12.010 1.00 26.83 ? 2   DT  A H3     1 
ATOM   57  H H71    . DT  A 1 2  ? -4.044  0.022  -13.997 1.00 30.60 ? 2   DT  A H71    1 
ATOM   58  H H72    . DT  A 1 2  ? -3.661  -0.134 -12.469 1.00 30.60 ? 2   DT  A H72    1 
ATOM   59  H H73    . DT  A 1 2  ? -4.560  -1.230 -13.176 1.00 30.60 ? 2   DT  A H73    1 
ATOM   60  H H6     . DT  A 1 2  ? -4.791  2.276  -12.761 1.00 28.80 ? 2   DT  A H6     1 
ATOM   61  P P      . DA  A 1 3  ? -5.076  7.738  -10.479 1.00 32.55 ? 3   DA  A P      1 
ATOM   62  O OP1    . DA  A 1 3  ? -5.162  9.068  -11.125 1.00 36.45 ? 3   DA  A OP1    1 
ATOM   63  O OP2    . DA  A 1 3  ? -3.769  7.038  -10.346 1.00 33.21 ? 3   DA  A OP2    1 
ATOM   64  O "O5'"  . DA  A 1 3  ? -5.734  7.834  -9.032  1.00 31.22 ? 3   DA  A "O5'"  1 
ATOM   65  C "C5'"  . DA  A 1 3  ? -5.747  6.695  -8.208  1.00 29.70 ? 3   DA  A "C5'"  1 
ATOM   66  C "C4'"  . DA  A 1 3  ? -7.159  6.271  -7.894  1.00 28.64 ? 3   DA  A "C4'"  1 
ATOM   67  O "O4'"  . DA  A 1 3  ? -7.635  5.331  -8.888  1.00 28.35 ? 3   DA  A "O4'"  1 
ATOM   68  C "C3'"  . DA  A 1 3  ? -7.305  5.542  -6.586  1.00 28.51 ? 3   DA  A "C3'"  1 
ATOM   69  O "O3'"  . DA  A 1 3  ? -7.389  6.458  -5.513  1.00 29.91 ? 3   DA  A "O3'"  1 
ATOM   70  C "C2'"  . DA  A 1 3  ? -8.585  4.742  -6.803  1.00 28.05 ? 3   DA  A "C2'"  1 
ATOM   71  C "C1'"  . DA  A 1 3  ? -8.464  4.347  -8.260  1.00 26.88 ? 3   DA  A "C1'"  1 
ATOM   72  N N9     . DA  A 1 3  ? -7.874  3.021  -8.481  1.00 25.76 ? 3   DA  A N9     1 
ATOM   73  C C8     . DA  A 1 3  ? -6.591  2.731  -8.836  1.00 24.64 ? 3   DA  A C8     1 
ATOM   74  N N7     . DA  A 1 3  ? -6.372  1.451  -9.017  1.00 25.12 ? 3   DA  A N7     1 
ATOM   75  C C5     . DA  A 1 3  ? -7.603  0.868  -8.768  1.00 24.10 ? 3   DA  A C5     1 
ATOM   76  C C6     . DA  A 1 3  ? -8.049  -0.469 -8.794  1.00 22.80 ? 3   DA  A C6     1 
ATOM   77  N N6     . DA  A 1 3  ? -7.267  -1.503 -9.084  1.00 23.78 ? 3   DA  A N6     1 
ATOM   78  N N1     . DA  A 1 3  ? -9.326  -0.700 -8.490  1.00 23.76 ? 3   DA  A N1     1 
ATOM   79  C C2     . DA  A 1 3  ? -10.112 0.340  -8.207  1.00 24.40 ? 3   DA  A C2     1 
ATOM   80  N N3     . DA  A 1 3  ? -9.805  1.631  -8.152  1.00 24.30 ? 3   DA  A N3     1 
ATOM   81  C C4     . DA  A 1 3  ? -8.531  1.823  -8.443  1.00 23.37 ? 3   DA  A C4     1 
ATOM   82  H "H5'"  . DA  A 1 3  ? -5.283  6.895  -7.380  1.00 35.65 ? 3   DA  A "H5'"  1 
ATOM   83  H "H5''" . DA  A 1 3  ? -5.291  5.969  -8.662  1.00 35.65 ? 3   DA  A "H5''" 1 
ATOM   84  H "H4'"  . DA  A 1 3  ? -7.734  7.052  -7.890  1.00 34.36 ? 3   DA  A "H4'"  1 
ATOM   85  H "H3'"  . DA  A 1 3  ? -6.555  4.941  -6.456  1.00 34.22 ? 3   DA  A "H3'"  1 
ATOM   86  H "H2'"  . DA  A 1 3  ? -8.603  3.958  -6.232  1.00 33.66 ? 3   DA  A "H2'"  1 
ATOM   87  H "H2''" . DA  A 1 3  ? -9.368  5.296  -6.659  1.00 33.66 ? 3   DA  A "H2''" 1 
ATOM   88  H "H1'"  . DA  A 1 3  ? -9.345  4.372  -8.666  1.00 32.26 ? 3   DA  A "H1'"  1 
ATOM   89  H H8     . DA  A 1 3  ? -5.932  3.379  -8.943  1.00 29.57 ? 3   DA  A H8     1 
ATOM   90  H H61    . DA  A 1 3  ? -7.588  -2.300 -9.074  1.00 28.54 ? 3   DA  A H61    1 
ATOM   91  H H62    . DA  A 1 3  ? -6.440  -1.375 -9.282  1.00 28.54 ? 3   DA  A H62    1 
ATOM   92  H H2     . DA  A 1 3  ? -10.997 0.130  -8.009  1.00 29.28 ? 3   DA  A H2     1 
HETATM 93  P P      . 5FC A 1 4  ? -6.719  6.087  -4.102  1.00 31.26 ? 4   5FC A P      1 
HETATM 94  O OP2    . 5FC A 1 4  ? -5.329  5.522  -4.275  1.00 31.48 ? 4   5FC A OP2    1 
HETATM 95  O OP1    . 5FC A 1 4  ? -6.740  7.332  -3.258  1.00 34.40 ? 4   5FC A OP1    1 
HETATM 96  O "O5'"  . 5FC A 1 4  ? -7.664  4.981  -3.516  1.00 29.76 ? 4   5FC A "O5'"  1 
HETATM 97  N N1     . 5FC A 1 4  ? -8.880  1.261  -4.379  1.00 23.94 ? 4   5FC A N1     1 
HETATM 98  C C6     . 5FC A 1 4  ? -7.698  1.955  -4.676  1.00 23.54 ? 4   5FC A C6     1 
HETATM 99  C C2     . 5FC A 1 4  ? -9.008  -0.144 -4.666  1.00 24.49 ? 4   5FC A C2     1 
HETATM 100 O O2     . 5FC A 1 4  ? -10.020 -0.729 -4.384  1.00 25.54 ? 4   5FC A O2     1 
HETATM 101 N N3     . 5FC A 1 4  ? -7.922  -0.847 -5.281  1.00 23.28 ? 4   5FC A N3     1 
HETATM 102 C C4     . 5FC A 1 4  ? -6.738  -0.171 -5.600  1.00 24.31 ? 4   5FC A C4     1 
HETATM 103 N N4     . 5FC A 1 4  ? -5.712  -0.912 -6.194  1.00 24.32 ? 4   5FC A N4     1 
HETATM 104 C C5     . 5FC A 1 4  ? -6.599  1.251  -5.300  1.00 23.30 ? 4   5FC A C5     1 
HETATM 105 C "C2'"  . 5FC A 1 4  ? -9.881  1.829  -2.426  1.00 28.97 ? 4   5FC A "C2'"  1 
HETATM 106 C "C5'"  . 5FC A 1 4  ? -8.959  5.360  -3.127  1.00 29.76 ? 4   5FC A "C5'"  1 
HETATM 107 C "C4'"  . 5FC A 1 4  ? -9.821  4.085  -2.972  1.00 29.02 ? 4   5FC A "C4'"  1 
HETATM 108 O "O4'"  . 5FC A 1 4  ? -9.888  3.465  -4.076  1.00 28.77 ? 4   5FC A "O4'"  1 
HETATM 109 C "C1'"  . 5FC A 1 4  ? -9.962  1.923  -3.748  1.00 27.53 ? 4   5FC A "C1'"  1 
HETATM 110 C "C3'"  . 5FC A 1 4  ? -9.158  3.058  -1.989  1.00 29.14 ? 4   5FC A "C3'"  1 
HETATM 111 O "O3'"  . 5FC A 1 4  ? -9.378  3.413  -0.672  1.00 29.13 ? 4   5FC A "O3'"  1 
HETATM 112 C C5A    . 5FC A 1 4  ? -5.354  2.013  -5.611  1.00 24.98 ? 4   5FC A C5A    1 
HETATM 113 O O5A    . 5FC A 1 4  ? -4.403  1.415  -6.052  1.00 30.37 ? 4   5FC A O5A    1 
HETATM 114 H H6     . 5FC A 1 4  ? -7.619  2.906  -4.471  1.00 28.25 ? 4   5FC A H6     1 
HETATM 115 H HN41   . 5FC A 1 4  ? -5.833  -1.801 -6.370  1.00 29.19 ? 4   5FC A HN41   1 
HETATM 116 H HN42   . 5FC A 1 4  ? -4.924  -0.505 -6.418  1.00 29.19 ? 4   5FC A HN42   1 
HETATM 117 H "H2'"  . 5FC A 1 4  ? -10.777 1.804  -2.031  1.00 34.76 ? 4   5FC A "H2'"  1 
HETATM 118 H "H2''" . 5FC A 1 4  ? -9.375  1.029  -2.172  1.00 34.76 ? 4   5FC A "H2''" 1 
HETATM 119 H "H5'"  . 5FC A 1 4  ? -8.919  5.837  -2.272  1.00 35.71 ? 4   5FC A "H5'"  1 
HETATM 120 H "H5''" . 5FC A 1 4  ? -9.352  5.942  -3.811  1.00 35.71 ? 4   5FC A "H5''" 1 
HETATM 121 H "H4'"  . 5FC A 1 4  ? -10.716 4.318  -2.661  1.00 34.82 ? 4   5FC A "H4'"  1 
HETATM 122 H "H1'"  . 5FC A 1 4  ? -10.812 1.552  -4.060  1.00 33.04 ? 4   5FC A "H1'"  1 
HETATM 123 H "H3'"  . 5FC A 1 4  ? -8.201  2.977  -2.170  1.00 34.96 ? 4   5FC A "H3'"  1 
HETATM 124 H H5A    . 5FC A 1 4  ? -5.310  2.979  -5.460  1.00 29.98 ? 4   5FC A H5A    1 
ATOM   125 P P      . DG  A 1 5  ? -8.439  2.840  0.517   1.00 29.26 ? 5   DG  A P      1 
ATOM   126 O OP1    . DG  A 1 5  ? -8.810  3.553  1.766   1.00 31.74 ? 5   DG  A OP1    1 
ATOM   127 O OP2    . DG  A 1 5  ? -7.022  2.840  0.077   1.00 30.82 ? 5   DG  A OP2    1 
ATOM   128 O "O5'"  . DG  A 1 5  ? -8.892  1.314  0.648   1.00 28.86 ? 5   DG  A "O5'"  1 
ATOM   129 C "C5'"  . DG  A 1 5  ? -10.172 0.989  1.153   1.00 26.06 ? 5   DG  A "C5'"  1 
ATOM   130 C "C4'"  . DG  A 1 5  ? -10.388 -0.501 1.103   1.00 24.34 ? 5   DG  A "C4'"  1 
ATOM   131 O "O4'"  . DG  A 1 5  ? -10.205 -0.959 -0.247  1.00 25.23 ? 5   DG  A "O4'"  1 
ATOM   132 C "C3'"  . DG  A 1 5  ? -9.411  -1.313 1.910   1.00 22.55 ? 5   DG  A "C3'"  1 
ATOM   133 O "O3'"  . DG  A 1 5  ? -9.815  -1.397 3.242   1.00 23.39 ? 5   DG  A "O3'"  1 
ATOM   134 C "C2'"  . DG  A 1 5  ? -9.457  -2.645 1.214   1.00 23.16 ? 5   DG  A "C2'"  1 
ATOM   135 C "C1'"  . DG  A 1 5  ? -9.630  -2.250 -0.231  1.00 23.59 ? 5   DG  A "C1'"  1 
ATOM   136 N N9     . DG  A 1 5  ? -8.396  -2.221 -0.995  1.00 21.75 ? 5   DG  A N9     1 
ATOM   137 C C8     . DG  A 1 5  ? -7.763  -1.128 -1.528  1.00 22.26 ? 5   DG  A C8     1 
ATOM   138 N N7     . DG  A 1 5  ? -6.701  -1.434 -2.214  1.00 20.45 ? 5   DG  A N7     1 
ATOM   139 C C5     . DG  A 1 5  ? -6.653  -2.819 -2.148  1.00 19.78 ? 5   DG  A C5     1 
ATOM   140 C C6     . DG  A 1 5  ? -5.738  -3.724 -2.708  1.00 19.74 ? 5   DG  A C6     1 
ATOM   141 O O6     . DG  A 1 5  ? -4.756  -3.488 -3.410  1.00 21.40 ? 5   DG  A O6     1 
ATOM   142 N N1     . DG  A 1 5  ? -6.046  -5.028 -2.366  1.00 19.33 ? 5   DG  A N1     1 
ATOM   143 C C2     . DG  A 1 5  ? -7.116  -5.415 -1.598  1.00 20.04 ? 5   DG  A C2     1 
ATOM   144 N N2     . DG  A 1 5  ? -7.252  -6.731 -1.376  1.00 20.90 ? 5   DG  A N2     1 
ATOM   145 N N3     . DG  A 1 5  ? -7.983  -4.581 -1.087  1.00 21.26 ? 5   DG  A N3     1 
ATOM   146 C C4     . DG  A 1 5  ? -7.688  -3.306 -1.398  1.00 21.18 ? 5   DG  A C4     1 
ATOM   147 H "H5'"  . DG  A 1 5  ? -10.850 1.431  0.618   1.00 31.27 ? 5   DG  A "H5'"  1 
ATOM   148 H "H5''" . DG  A 1 5  ? -10.241 1.292  2.072   1.00 31.27 ? 5   DG  A "H5''" 1 
ATOM   149 H "H4'"  . DG  A 1 5  ? -11.292 -0.705 1.391   1.00 29.21 ? 5   DG  A "H4'"  1 
ATOM   150 H "H3'"  . DG  A 1 5  ? -8.521  -0.930 1.847   1.00 27.05 ? 5   DG  A "H3'"  1 
ATOM   151 H "H2'"  . DG  A 1 5  ? -8.626  -3.129 1.342   1.00 27.79 ? 5   DG  A "H2'"  1 
ATOM   152 H "H2''" . DG  A 1 5  ? -10.214 -3.168 1.522   1.00 27.79 ? 5   DG  A "H2''" 1 
ATOM   153 H "H1'"  . DG  A 1 5  ? -10.245 -2.871 -0.654  1.00 28.30 ? 5   DG  A "H1'"  1 
ATOM   154 H H8     . DG  A 1 5  ? -8.067  -0.256 -1.418  1.00 26.71 ? 5   DG  A H8     1 
ATOM   155 H H1     . DG  A 1 5  ? -5.528  -5.648 -2.662  1.00 23.20 ? 5   DG  A H1     1 
ATOM   156 H H21    . DG  A 1 5  ? -7.907  -7.021 -0.900  1.00 25.08 ? 5   DG  A H21    1 
ATOM   157 H H22    . DG  A 1 5  ? -6.684  -7.284 -1.709  1.00 25.08 ? 5   DG  A H22    1 
HETATM 158 P P      . 5FC A 1 6  ? -8.731  -1.674 4.375   1.00 23.75 ? 6   5FC A P      1 
HETATM 159 O OP2    . 5FC A 1 6  ? -7.531  -0.808 4.151   1.00 25.64 ? 6   5FC A OP2    1 
HETATM 160 O OP1    . 5FC A 1 6  ? -9.463  -1.502 5.681   1.00 25.84 ? 6   5FC A OP1    1 
HETATM 161 O "O5'"  . 5FC A 1 6  ? -8.285  -3.166 4.167   1.00 22.46 ? 6   5FC A "O5'"  1 
HETATM 162 N N1     . 5FC A 1 6  ? -6.105  -5.761 2.041   1.00 18.60 ? 6   5FC A N1     1 
HETATM 163 C C6     . 5FC A 1 6  ? -6.252  -4.376 2.002   1.00 19.37 ? 6   5FC A C6     1 
HETATM 164 C C2     . 5FC A 1 6  ? -5.098  -6.428 1.276   1.00 19.01 ? 6   5FC A C2     1 
HETATM 165 O O2     . 5FC A 1 6  ? -5.004  -7.621 1.328   1.00 21.04 ? 6   5FC A O2     1 
HETATM 166 N N3     . 5FC A 1 6  ? -4.223  -5.660 0.455   1.00 17.13 ? 6   5FC A N3     1 
HETATM 167 C C4     . 5FC A 1 6  ? -4.351  -4.277 0.413   1.00 16.66 ? 6   5FC A C4     1 
HETATM 168 N N4     . 5FC A 1 6  ? -3.497  -3.565 -0.404  1.00 18.67 ? 6   5FC A N4     1 
HETATM 169 C C5     . 5FC A 1 6  ? -5.361  -3.591 1.193   1.00 18.48 ? 6   5FC A C5     1 
HETATM 170 C "C2'"  . 5FC A 1 6  ? -6.459  -6.736 4.063   1.00 22.06 ? 6   5FC A "C2'"  1 
HETATM 171 C "C5'"  . 5FC A 1 6  ? -9.130  -4.208 4.594   1.00 20.74 ? 6   5FC A "C5'"  1 
HETATM 172 C "C4'"  . 5FC A 1 6  ? -8.478  -5.583 4.273   1.00 22.05 ? 6   5FC A "C4'"  1 
HETATM 173 O "O4'"  . 5FC A 1 6  ? -8.294  -5.749 3.012   1.00 21.78 ? 6   5FC A "O4'"  1 
HETATM 174 C "C1'"  . 5FC A 1 6  ? -6.957  -6.550 2.844   1.00 21.13 ? 6   5FC A "C1'"  1 
HETATM 175 C "C3'"  . 5FC A 1 6  ? -7.055  -5.670 4.915   1.00 21.65 ? 6   5FC A "C3'"  1 
HETATM 176 O "O3'"  . 5FC A 1 6  ? -7.109  -6.011 6.254   1.00 22.13 ? 6   5FC A "O3'"  1 
HETATM 177 C C5A    . 5FC A 1 6  ? -5.541  -2.101 1.179   1.00 21.72 ? 6   5FC A C5A    1 
HETATM 178 O O5A    . 5FC A 1 6  ? -4.767  -1.391 0.590   1.00 23.79 ? 6   5FC A O5A    1 
HETATM 179 H H6     . 5FC A 1 6  ? -6.936  -3.940 2.544   1.00 23.25 ? 6   5FC A H6     1 
HETATM 180 H HN41   . 5FC A 1 6  ? -3.553  -2.653 -0.441  1.00 22.40 ? 6   5FC A HN41   1 
HETATM 181 H HN42   . 5FC A 1 6  ? -2.852  -4.003 -0.882  1.00 22.40 ? 6   5FC A HN42   1 
HETATM 182 H "H2'"  . 5FC A 1 6  ? -5.484  -6.647 4.046   1.00 26.47 ? 6   5FC A "H2'"  1 
HETATM 183 H "H2''" . 5FC A 1 6  ? -6.712  -7.619 4.400   1.00 26.47 ? 6   5FC A "H2''" 1 
HETATM 184 H "H5'"  . 5FC A 1 6  ? -9.274  -4.134 5.559   1.00 24.88 ? 6   5FC A "H5'"  1 
HETATM 185 H "H5''" . 5FC A 1 6  ? -9.990  -4.139 4.129   1.00 24.88 ? 6   5FC A "H5''" 1 
HETATM 186 H "H4'"  . 5FC A 1 6  ? -9.042  -6.301 4.621   1.00 26.46 ? 6   5FC A "H4'"  1 
HETATM 187 H "H1'"  . 5FC A 1 6  ? -7.129  -7.412 2.412   1.00 25.35 ? 6   5FC A "H1'"  1 
HETATM 188 H "H3'"  . 5FC A 1 6  ? -6.574  -4.827 4.796   1.00 25.98 ? 6   5FC A "H3'"  1 
HETATM 189 H H5A    . 5FC A 1 6  ? -6.298  -1.701 1.653   1.00 26.07 ? 6   5FC A H5A    1 
ATOM   190 P P      . DG  A 1 7  ? -6.009  -5.453 7.300   1.00 25.10 ? 7   DG  A P      1 
ATOM   191 O OP1    . DG  A 1 7  ? -6.471  -5.905 8.625   1.00 26.11 ? 7   DG  A OP1    1 
ATOM   192 O OP2    . DG  A 1 7  ? -5.731  -4.018 7.041   1.00 26.84 ? 7   DG  A OP2    1 
ATOM   193 O "O5'"  . DG  A 1 7  ? -4.677  -6.256 6.924   1.00 24.74 ? 7   DG  A "O5'"  1 
ATOM   194 C "C5'"  . DG  A 1 7  ? -4.523  -7.592 7.342   1.00 26.26 ? 7   DG  A "C5'"  1 
ATOM   195 C "C4'"  . DG  A 1 7  ? -3.344  -8.247 6.659   1.00 26.09 ? 7   DG  A "C4'"  1 
ATOM   196 O "O4'"  . DG  A 1 7  ? -3.472  -8.126 5.215   1.00 26.30 ? 7   DG  A "O4'"  1 
ATOM   197 C "C3'"  . DG  A 1 7  ? -1.996  -7.621 6.925   1.00 25.47 ? 7   DG  A "C3'"  1 
ATOM   198 O "O3'"  . DG  A 1 7  ? -1.503  -7.956 8.206   1.00 27.76 ? 7   DG  A "O3'"  1 
ATOM   199 C "C2'"  . DG  A 1 7  ? -1.180  -8.220 5.785   1.00 23.98 ? 7   DG  A "C2'"  1 
ATOM   200 C "C1'"  . DG  A 1 7  ? -2.176  -8.157 4.630   1.00 23.85 ? 7   DG  A "C1'"  1 
ATOM   201 N N9     . DG  A 1 7  ? -1.990  -6.977 3.808   1.00 21.76 ? 7   DG  A N9     1 
ATOM   202 C C8     . DG  A 1 7  ? -2.679  -5.794 3.871   1.00 21.74 ? 7   DG  A C8     1 
ATOM   203 N N7     . DG  A 1 7  ? -2.259  -4.912 3.017   1.00 20.42 ? 7   DG  A N7     1 
ATOM   204 C C5     . DG  A 1 7  ? -1.205  -5.553 2.362   1.00 18.96 ? 7   DG  A C5     1 
ATOM   205 C C6     . DG  A 1 7  ? -0.345  -5.104 1.341   1.00 18.90 ? 7   DG  A C6     1 
ATOM   206 O O6     . DG  A 1 7  ? -0.334  -4.019 0.761   1.00 19.67 ? 7   DG  A O6     1 
ATOM   207 N N1     . DG  A 1 7  ? 0.568   -6.077 0.987   1.00 19.15 ? 7   DG  A N1     1 
ATOM   208 C C2     . DG  A 1 7  ? 0.663   -7.316 1.558   1.00 19.44 ? 7   DG  A C2     1 
ATOM   209 N N2     . DG  A 1 7  ? 1.628   -8.122 1.088   1.00 21.93 ? 7   DG  A N2     1 
ATOM   210 N N3     . DG  A 1 7  ? -0.134  -7.745 2.507   1.00 19.83 ? 7   DG  A N3     1 
ATOM   211 C C4     . DG  A 1 7  ? -1.033  -6.817 2.862   1.00 19.18 ? 7   DG  A C4     1 
ATOM   212 H "H5'"  . DG  A 1 7  ? -5.330  -8.086 7.126   1.00 31.51 ? 7   DG  A "H5'"  1 
ATOM   213 H "H5''" . DG  A 1 7  ? -4.385  -7.611 8.301   1.00 31.51 ? 7   DG  A "H5''" 1 
ATOM   214 H "H4'"  . DG  A 1 7  ? -3.314  -9.186 6.899   1.00 31.31 ? 7   DG  A "H4'"  1 
ATOM   215 H "H3'"  . DG  A 1 7  ? -2.050  -6.658 6.826   1.00 30.56 ? 7   DG  A "H3'"  1 
ATOM   216 H "H2'"  . DG  A 1 7  ? -0.397  -7.679 5.598   1.00 28.78 ? 7   DG  A "H2'"  1 
ATOM   217 H "H2''" . DG  A 1 7  ? -0.934  -9.138 5.980   1.00 28.78 ? 7   DG  A "H2''" 1 
ATOM   218 H "H1'"  . DG  A 1 7  ? -2.087  -8.952 4.081   1.00 28.62 ? 7   DG  A "H1'"  1 
ATOM   219 H H8     . DG  A 1 7  ? -3.396  -5.649 4.446   1.00 26.09 ? 7   DG  A H8     1 
ATOM   220 H H1     . DG  A 1 7  ? 1.134   -5.882 0.370   1.00 22.98 ? 7   DG  A H1     1 
ATOM   221 H H21    . DG  A 1 7  ? 1.721   -8.914 1.410   1.00 26.31 ? 7   DG  A H21    1 
ATOM   222 H H22    . DG  A 1 7  ? 2.154   -7.846 0.466   1.00 26.31 ? 7   DG  A H22    1 
HETATM 223 P P      . 5FC A 1 8  ? -0.364  -7.044 8.884   1.00 29.80 ? 8   5FC A P      1 
HETATM 224 O OP2    . 5FC A 1 8  ? -0.759  -5.576 8.884   1.00 32.31 ? 8   5FC A OP2    1 
HETATM 225 O OP1    . 5FC A 1 8  ? -0.124  -7.621 10.258  1.00 33.26 ? 8   5FC A OP1    1 
HETATM 226 O "O5'"  . 5FC A 1 8  ? 0.900   -7.236 7.947   1.00 28.26 ? 8   5FC A "O5'"  1 
HETATM 227 N N1     . 5FC A 1 8  ? 2.612   -6.227 4.474   1.00 20.31 ? 8   5FC A N1     1 
HETATM 228 C C6     . 5FC A 1 8  ? 1.589   -5.666 5.241   1.00 21.85 ? 8   5FC A C6     1 
HETATM 229 C C2     . 5FC A 1 8  ? 3.144   -5.541 3.341   1.00 19.78 ? 8   5FC A C2     1 
HETATM 230 O O2     . 5FC A 1 8  ? 4.029   -6.050 2.706   1.00 22.30 ? 8   5FC A O2     1 
HETATM 231 N N3     . 5FC A 1 8  ? 2.606   -4.276 2.964   1.00 20.23 ? 8   5FC A N3     1 
HETATM 232 C C4     . 5FC A 1 8  ? 1.587   -3.704 3.693   1.00 20.36 ? 8   5FC A C4     1 
HETATM 233 N N4     . 5FC A 1 8  ? 1.144   -2.461 3.260   1.00 21.84 ? 8   5FC A N4     1 
HETATM 234 C C5     . 5FC A 1 8  ? 1.051   -4.382 4.863   1.00 21.80 ? 8   5FC A C5     1 
HETATM 235 C "C2'"  . 5FC A 1 8  ? 4.258   -7.291 5.594   1.00 26.68 ? 8   5FC A "C2'"  1 
HETATM 236 C "C5'"  . 5FC A 1 8  ? 1.577   -8.479 7.924   1.00 26.96 ? 8   5FC A "C5'"  1 
HETATM 237 C "C4'"  . 5FC A 1 8  ? 2.628   -8.524 6.777   1.00 26.82 ? 8   5FC A "C4'"  1 
HETATM 238 O "O4'"  . 5FC A 1 8  ? 2.102   -8.251 5.662   1.00 25.16 ? 8   5FC A "O4'"  1 
HETATM 239 C "C1'"  . 5FC A 1 8  ? 3.186   -7.469 4.822   1.00 23.95 ? 8   5FC A "C1'"  1 
HETATM 240 C "C3'"  . 5FC A 1 8  ? 3.739   -7.431 6.980   1.00 28.62 ? 8   5FC A "C3'"  1 
HETATM 241 O "O3'"  . 5FC A 1 8  ? 4.643   -7.893 7.908   1.00 34.91 ? 8   5FC A "O3'"  1 
HETATM 242 C C5A    . 5FC A 1 8  ? -0.058  -3.805 5.698   1.00 24.57 ? 8   5FC A C5A    1 
HETATM 243 O O5A    . 5FC A 1 8  ? -0.476  -2.688 5.472   1.00 28.94 ? 8   5FC A O5A    1 
HETATM 244 H H6     . 5FC A 1 8  ? 1.240   -6.138 6.022   1.00 26.22 ? 8   5FC A H6     1 
HETATM 245 H HN41   . 5FC A 1 8  ? 0.465   -2.037 3.702   1.00 26.21 ? 8   5FC A HN41   1 
HETATM 246 H HN42   . 5FC A 1 8  ? 1.512   -2.078 2.515   1.00 26.21 ? 8   5FC A HN42   1 
HETATM 247 H "H2'"  . 5FC A 1 8  ? 4.932   -7.978 5.408   1.00 32.01 ? 8   5FC A "H2'"  1 
HETATM 248 H "H2''" . 5FC A 1 8  ? 4.634   -6.396 5.457   1.00 32.01 ? 8   5FC A "H2''" 1 
HETATM 249 H "H5'"  . 5FC A 1 8  ? 2.031   -8.613 8.782   1.00 32.36 ? 8   5FC A "H5'"  1 
HETATM 250 H "H5''" . 5FC A 1 8  ? 0.924   -9.198 7.790   1.00 32.36 ? 8   5FC A "H5''" 1 
HETATM 251 H "H4'"  . 5FC A 1 8  ? 3.039   -9.409 6.740   1.00 32.18 ? 8   5FC A "H4'"  1 
HETATM 252 H "H1'"  . 5FC A 1 8  ? 3.423   -7.974 4.017   1.00 28.74 ? 8   5FC A "H1'"  1 
HETATM 253 H "H3'"  . 5FC A 1 8  ? 3.340   -6.590 7.281   1.00 34.34 ? 8   5FC A "H3'"  1 
HETATM 254 H H5A    . 5FC A 1 8  ? -0.444  -4.330 6.427   1.00 29.48 ? 8   5FC A H5A    1 
ATOM   255 P P      . DG  A 1 9  ? 5.729   -6.915 8.587   1.00 39.14 ? 9   DG  A P      1 
ATOM   256 O OP1    . DG  A 1 9  ? 6.523   -7.695 9.559   1.00 41.39 ? 9   DG  A OP1    1 
ATOM   257 O OP2    . DG  A 1 9  ? 5.070   -5.661 9.026   1.00 38.25 ? 9   DG  A OP2    1 
ATOM   258 O "O5'"  . DG  A 1 9  ? 6.699   -6.619 7.369   1.00 36.44 ? 9   DG  A "O5'"  1 
ATOM   259 C "C5'"  . DG  A 1 9  ? 7.376   -5.439 7.286   1.00 32.18 ? 9   DG  A "C5'"  1 
ATOM   260 C "C4'"  . DG  A 1 9  ? 7.979   -5.315 5.919   1.00 27.87 ? 9   DG  A "C4'"  1 
ATOM   261 O "O4'"  . DG  A 1 9  ? 6.916   -5.275 4.940   1.00 26.92 ? 9   DG  A "O4'"  1 
ATOM   262 C "C3'"  . DG  A 1 9  ? 8.777   -4.058 5.714   1.00 26.63 ? 9   DG  A "C3'"  1 
ATOM   263 O "O3'"  . DG  A 1 9  ? 10.091  -4.276 6.056   1.00 26.41 ? 9   DG  A "O3'"  1 
ATOM   264 C "C2'"  . DG  A 1 9  ? 8.595   -3.782 4.237   1.00 24.51 ? 9   DG  A "C2'"  1 
ATOM   265 C "C1'"  . DG  A 1 9  ? 7.173   -4.246 4.002   1.00 23.94 ? 9   DG  A "C1'"  1 
ATOM   266 N N9     . DG  A 1 9  ? 6.164   -3.193 4.152   1.00 22.75 ? 9   DG  A N9     1 
ATOM   267 C C8     . DG  A 1 9  ? 5.116   -3.154 5.027   1.00 22.64 ? 9   DG  A C8     1 
ATOM   268 N N7     . DG  A 1 9  ? 4.373   -2.097 4.895   1.00 23.61 ? 9   DG  A N7     1 
ATOM   269 C C5     . DG  A 1 9  ? 4.958   -1.405 3.858   1.00 21.67 ? 9   DG  A C5     1 
ATOM   270 C C6     . DG  A 1 9  ? 4.590   -0.189 3.248   1.00 22.95 ? 9   DG  A C6     1 
ATOM   271 O O6     . DG  A 1 9  ? 3.637   0.551  3.511   1.00 23.32 ? 9   DG  A O6     1 
ATOM   272 N N1     . DG  A 1 9  ? 5.452   0.146  2.225   1.00 21.35 ? 9   DG  A N1     1 
ATOM   273 C C2     . DG  A 1 9  ? 6.547   -0.581 1.849   1.00 23.00 ? 9   DG  A C2     1 
ATOM   274 N N2     . DG  A 1 9  ? 7.270   -0.092 0.835   1.00 21.86 ? 9   DG  A N2     1 
ATOM   275 N N3     . DG  A 1 9  ? 6.892   -1.730 2.396   1.00 23.40 ? 9   DG  A N3     1 
ATOM   276 C C4     . DG  A 1 9  ? 6.057   -2.073 3.391   1.00 21.74 ? 9   DG  A C4     1 
ATOM   277 H "H5'"  . DG  A 1 9  ? 8.080   -5.420 7.953   1.00 38.61 ? 9   DG  A "H5'"  1 
ATOM   278 H "H5''" . DG  A 1 9  ? 6.764   -4.701 7.439   1.00 38.61 ? 9   DG  A "H5''" 1 
ATOM   279 H "H4'"  . DG  A 1 9  ? 8.544   -6.085 5.747   1.00 33.44 ? 9   DG  A "H4'"  1 
ATOM   280 H "H3'"  . DG  A 1 9  ? 8.404   -3.333 6.242   1.00 31.96 ? 9   DG  A "H3'"  1 
ATOM   281 H "H2'"  . DG  A 1 9  ? 8.684   -2.835 4.049   1.00 29.41 ? 9   DG  A "H2'"  1 
ATOM   282 H "H2''" . DG  A 1 9  ? 9.220   -4.303 3.709   1.00 29.41 ? 9   DG  A "H2''" 1 
ATOM   283 H "H1'"  . DG  A 1 9  ? 7.109   -4.615 3.107   1.00 28.73 ? 9   DG  A "H1'"  1 
ATOM   284 H H8     . DG  A 1 9  ? 4.954   -3.814 5.662   1.00 27.16 ? 9   DG  A H8     1 
ATOM   285 H H1     . DG  A 1 9  ? 5.307   0.887  1.813   1.00 25.62 ? 9   DG  A H1     1 
ATOM   286 H H21    . DG  A 1 9  ? 7.954   -0.527 0.546   1.00 26.24 ? 9   DG  A H21    1 
ATOM   287 H H22    . DG  A 1 9  ? 7.052   0.656  0.473   1.00 26.24 ? 9   DG  A H22    1 
ATOM   288 P P      . DT  A 1 10 ? 10.940  -3.089 6.697   1.00 29.02 ? 10  DT  A P      1 
ATOM   289 O OP1    . DT  A 1 10 ? 12.270  -3.629 6.983   1.00 31.51 ? 10  DT  A OP1    1 
ATOM   290 O OP2    . DT  A 1 10 ? 10.163  -2.449 7.775   1.00 29.68 ? 10  DT  A OP2    1 
ATOM   291 O "O5'"  . DT  A 1 10 ? 11.084  -2.026 5.518   1.00 27.31 ? 10  DT  A "O5'"  1 
ATOM   292 C "C5'"  . DT  A 1 10 ? 11.861  -2.319 4.382   1.00 26.98 ? 10  DT  A "C5'"  1 
ATOM   293 C "C4'"  . DT  A 1 10 ? 11.886  -1.125 3.465   1.00 26.95 ? 10  DT  A "C4'"  1 
ATOM   294 O "O4'"  . DT  A 1 10 ? 10.553  -0.846 3.025   1.00 27.51 ? 10  DT  A "O4'"  1 
ATOM   295 C "C3'"  . DT  A 1 10 ? 12.359  0.145  4.113   1.00 30.42 ? 10  DT  A "C3'"  1 
ATOM   296 O "O3'"  . DT  A 1 10 ? 13.718  0.292  3.943   1.00 35.25 ? 10  DT  A "O3'"  1 
ATOM   297 C "C2'"  . DT  A 1 10 ? 11.607  1.227  3.392   1.00 28.98 ? 10  DT  A "C2'"  1 
ATOM   298 C "C1'"  . DT  A 1 10 ? 10.358  0.544  2.925   1.00 27.91 ? 10  DT  A "C1'"  1 
ATOM   299 N N1     . DT  A 1 10 ? 9.158   0.930  3.688   1.00 27.75 ? 10  DT  A N1     1 
ATOM   300 C C2     . DT  A 1 10 ? 8.503   2.050  3.299   1.00 28.02 ? 10  DT  A C2     1 
ATOM   301 O O2     . DT  A 1 10 ? 8.886   2.752  2.387   1.00 30.01 ? 10  DT  A O2     1 
ATOM   302 N N3     . DT  A 1 10 ? 7.381   2.331  4.004   1.00 25.47 ? 10  DT  A N3     1 
ATOM   303 C C4     . DT  A 1 10 ? 6.861   1.618  5.054   1.00 24.75 ? 10  DT  A C4     1 
ATOM   304 O O4     . DT  A 1 10 ? 5.841   1.968  5.636   1.00 25.31 ? 10  DT  A O4     1 
ATOM   305 C C5     . DT  A 1 10 ? 7.610   0.457  5.434   1.00 25.24 ? 10  DT  A C5     1 
ATOM   306 C C7     . DT  A 1 10 ? 7.144   -0.395 6.564   1.00 25.89 ? 10  DT  A C7     1 
ATOM   307 C C6     . DT  A 1 10 ? 8.711   0.160  4.732   1.00 26.44 ? 10  DT  A C6     1 
ATOM   308 H "H5'"  . DT  A 1 10 ? 11.477  -3.077 3.914   1.00 32.38 ? 10  DT  A "H5'"  1 
ATOM   309 H "H5''" . DT  A 1 10 ? 12.766  -2.534 4.657   1.00 32.38 ? 10  DT  A "H5''" 1 
ATOM   310 H "H4'"  . DT  A 1 10 ? 12.444  -1.321 2.696   1.00 32.34 ? 10  DT  A "H4'"  1 
ATOM   311 H "H3'"  . DT  A 1 10 ? 12.132  0.147  5.057   1.00 36.50 ? 10  DT  A "H3'"  1 
ATOM   312 H "H2'"  . DT  A 1 10 ? 11.392  1.953  3.998   1.00 34.77 ? 10  DT  A "H2'"  1 
ATOM   313 H "H2''" . DT  A 1 10 ? 12.120  1.551  2.635   1.00 34.77 ? 10  DT  A "H2''" 1 
ATOM   314 H "H1'"  . DT  A 1 10 ? 10.215  0.769  1.993   1.00 33.49 ? 10  DT  A "H1'"  1 
ATOM   315 H H3     . DT  A 1 10 ? 6.955   3.042  3.777   1.00 30.56 ? 10  DT  A H3     1 
ATOM   316 H H71    . DT  A 1 10 ? 6.977   -1.295 6.242   1.00 31.06 ? 10  DT  A H71    1 
ATOM   317 H H72    . DT  A 1 10 ? 7.826   -0.418 7.253   1.00 31.06 ? 10  DT  A H72    1 
ATOM   318 H H73    . DT  A 1 10 ? 6.325   -0.026 6.931   1.00 31.06 ? 10  DT  A H73    1 
ATOM   319 H H6     . DT  A 1 10 ? 9.190   -0.603 4.959   1.00 31.73 ? 10  DT  A H6     1 
ATOM   320 P P      . DA  A 1 11 ? 14.547  1.132  5.014   1.00 39.94 ? 11  DA  A P      1 
ATOM   321 O OP1    . DA  A 1 11 ? 15.934  1.102  4.496   1.00 41.46 ? 11  DA  A OP1    1 
ATOM   322 O OP2    . DA  A 1 11 ? 14.175  0.619  6.359   1.00 43.31 ? 11  DA  A OP2    1 
ATOM   323 O "O5'"  . DA  A 1 11 ? 13.948  2.606  4.913   1.00 38.22 ? 11  DA  A "O5'"  1 
ATOM   324 C "C5'"  . DA  A 1 11 ? 14.160  3.384  3.759   1.00 37.17 ? 11  DA  A "C5'"  1 
ATOM   325 C "C4'"  . DA  A 1 11 ? 13.532  4.748  3.941   1.00 35.26 ? 11  DA  A "C4'"  1 
ATOM   326 O "O4'"  . DA  A 1 11 ? 12.091  4.610  4.021   1.00 31.54 ? 11  DA  A "O4'"  1 
ATOM   327 C "C3'"  . DA  A 1 11 ? 13.961  5.464  5.223   1.00 35.95 ? 11  DA  A "C3'"  1 
ATOM   328 O "O3'"  . DA  A 1 11 ? 14.645  6.655  4.917   1.00 39.62 ? 11  DA  A "O3'"  1 
ATOM   329 C "C2'"  . DA  A 1 11 ? 12.658  5.752  5.960   1.00 31.36 ? 11  DA  A "C2'"  1 
ATOM   330 C "C1'"  . DA  A 1 11 ? 11.593  5.569  4.903   1.00 29.70 ? 11  DA  A "C1'"  1 
ATOM   331 N N9     . DA  A 1 11 ? 10.353  5.107  5.470   1.00 25.90 ? 11  DA  A N9     1 
ATOM   332 C C8     . DA  A 1 11 ? 10.148  3.949  6.151   1.00 24.24 ? 11  DA  A C8     1 
ATOM   333 N N7     . DA  A 1 11 ? 8.923   3.807  6.592   1.00 24.67 ? 11  DA  A N7     1 
ATOM   334 C C5     . DA  A 1 11 ? 8.294   4.964  6.189   1.00 23.22 ? 11  DA  A C5     1 
ATOM   335 C C6     . DA  A 1 11 ? 6.981   5.427  6.358   1.00 21.94 ? 11  DA  A C6     1 
ATOM   336 N N6     . DA  A 1 11 ? 6.043   4.733  7.014   1.00 23.22 ? 11  DA  A N6     1 
ATOM   337 N N1     . DA  A 1 11 ? 6.668   6.635  5.829   1.00 22.24 ? 11  DA  A N1     1 
ATOM   338 C C2     . DA  A 1 11 ? 7.622   7.326  5.184   1.00 23.79 ? 11  DA  A C2     1 
ATOM   339 N N3     . DA  A 1 11 ? 8.891   6.985  4.961   1.00 23.66 ? 11  DA  A N3     1 
ATOM   340 C C4     . DA  A 1 11 ? 9.164   5.785  5.505   1.00 24.90 ? 11  DA  A C4     1 
ATOM   341 H "H5'"  . DA  A 1 11 ? 13.758  2.943  2.994   1.00 44.61 ? 11  DA  A "H5'"  1 
ATOM   342 H "H5''" . DA  A 1 11 ? 15.113  3.485  3.608   1.00 44.61 ? 11  DA  A "H5''" 1 
ATOM   343 H "H4'"  . DA  A 1 11 ? 13.755  5.304  3.178   1.00 42.31 ? 11  DA  A "H4'"  1 
ATOM   344 H "H3'"  . DA  A 1 11 ? 14.524  4.883  5.757   1.00 43.14 ? 11  DA  A "H3'"  1 
ATOM   345 H "H2'"  . DA  A 1 11 ? 12.531  5.120  6.684   1.00 37.64 ? 11  DA  A "H2'"  1 
ATOM   346 H "H2''" . DA  A 1 11 ? 12.652  6.663  6.295   1.00 37.64 ? 11  DA  A "H2''" 1 
ATOM   347 H "H1'"  . DA  A 1 11 ? 11.450  6.405  4.433   1.00 35.64 ? 11  DA  A "H1'"  1 
ATOM   348 H H8     . DA  A 1 11 ? 10.811  3.309  6.279   1.00 29.09 ? 11  DA  A H8     1 
ATOM   349 H H61    . DA  A 1 11 ? 5.250   5.055  7.096   1.00 27.87 ? 11  DA  A H61    1 
ATOM   350 H H62    . DA  A 1 11 ? 6.234   3.967  7.352   1.00 27.87 ? 11  DA  A H62    1 
ATOM   351 H H2     . DA  A 1 11 ? 7.360   8.148  4.838   1.00 28.55 ? 11  DA  A H2     1 
ATOM   352 P P      . DG  A 1 12 ? 16.240  6.755  5.015   1.00 42.36 ? 12  DG  A P      1 
ATOM   353 O OP1    . DG  A 1 12 ? 16.643  7.629  3.883   1.00 47.58 ? 12  DG  A OP1    1 
ATOM   354 O OP2    . DG  A 1 12 ? 16.827  5.398  5.120   1.00 43.34 ? 12  DG  A OP2    1 
ATOM   355 O "O5'"  . DG  A 1 12 ? 16.486  7.556  6.372   1.00 38.65 ? 12  DG  A "O5'"  1 
ATOM   356 C "C5'"  . DG  A 1 12 ? 16.250  6.929  7.613   1.00 36.95 ? 12  DG  A "C5'"  1 
ATOM   357 C "C4'"  . DG  A 1 12 ? 15.315  7.763  8.446   1.00 33.53 ? 12  DG  A "C4'"  1 
ATOM   358 O "O4'"  . DG  A 1 12 ? 13.976  7.334  8.211   1.00 32.92 ? 12  DG  A "O4'"  1 
ATOM   359 C "C3'"  . DG  A 1 12 ? 15.480  7.639  9.951   1.00 32.69 ? 12  DG  A "C3'"  1 
ATOM   360 O "O3'"  . DG  A 1 12 ? 16.454  8.539  10.435  1.00 35.47 ? 12  DG  A "O3'"  1 
ATOM   361 C "C2'"  . DG  A 1 12 ? 14.089  7.979  10.478  1.00 29.81 ? 12  DG  A "C2'"  1 
ATOM   362 C "C1'"  . DG  A 1 12 ? 13.176  7.808  9.262   1.00 28.86 ? 12  DG  A "C1'"  1 
ATOM   363 N N9     . DG  A 1 12 ? 12.083  6.878  9.485   1.00 28.31 ? 12  DG  A N9     1 
ATOM   364 C C8     . DG  A 1 12 ? 12.148  5.605  9.997   1.00 30.26 ? 12  DG  A C8     1 
ATOM   365 N N7     . DG  A 1 12 ? 10.984  5.030  10.099  1.00 28.99 ? 12  DG  A N7     1 
ATOM   366 C C5     . DG  A 1 12 ? 10.102  5.990  9.619   1.00 25.27 ? 12  DG  A C5     1 
ATOM   367 C C6     . DG  A 1 12 ? 8.705   5.953  9.489   1.00 24.06 ? 12  DG  A C6     1 
ATOM   368 O O6     . DG  A 1 12 ? 7.935   5.041  9.779   1.00 27.58 ? 12  DG  A O6     1 
ATOM   369 N N1     . DG  A 1 12 ? 8.209   7.139  8.972   1.00 23.03 ? 12  DG  A N1     1 
ATOM   370 C C2     . DG  A 1 12 ? 8.970   8.218  8.627   1.00 22.59 ? 12  DG  A C2     1 
ATOM   371 N N2     . DG  A 1 12 ? 8.320   9.264  8.129   1.00 25.90 ? 12  DG  A N2     1 
ATOM   372 N N3     . DG  A 1 12 ? 10.274  8.266  8.746   1.00 22.90 ? 12  DG  A N3     1 
ATOM   373 C C4     . DG  A 1 12 ? 10.769  7.124  9.249   1.00 24.23 ? 12  DG  A C4     1 
ATOM   374 H "H5'"  . DG  A 1 12 ? 17.091  6.822  8.084   1.00 44.34 ? 12  DG  A "H5'"  1 
ATOM   375 H "H5''" . DG  A 1 12 ? 15.854  6.056  7.462   1.00 44.34 ? 12  DG  A "H5''" 1 
ATOM   376 H "H4'"  . DG  A 1 12 ? 15.403  8.695  8.190   1.00 40.23 ? 12  DG  A "H4'"  1 
ATOM   377 H "H3'"  . DG  A 1 12 ? 15.714  6.729  10.187  1.00 39.22 ? 12  DG  A "H3'"  1 
ATOM   378 H "HO3'" . DG  A 1 12 ? 16.856  9.050  9.903   1.00 42.56 ? 12  DG  A "HO3'" 1 
ATOM   379 H "H2'"  . DG  A 1 12 ? 13.833  7.363  11.183  1.00 35.78 ? 12  DG  A "H2'"  1 
ATOM   380 H "H2''" . DG  A 1 12 ? 14.061  8.895  10.797  1.00 35.78 ? 12  DG  A "H2''" 1 
ATOM   381 H "H1'"  . DG  A 1 12 ? 12.811  8.673  9.016   1.00 34.63 ? 12  DG  A "H1'"  1 
ATOM   382 H H8     . DG  A 1 12 ? 12.944  5.198  10.251  1.00 36.32 ? 12  DG  A H8     1 
ATOM   383 H H1     . DG  A 1 12 ? 7.360   7.196  8.851   1.00 27.63 ? 12  DG  A H1     1 
ATOM   384 H H21    . DG  A 1 12 ? 8.755   9.965  7.886   1.00 31.08 ? 12  DG  A H21    1 
ATOM   385 H H22    . DG  A 1 12 ? 7.465   9.240  8.048   1.00 31.08 ? 12  DG  A H22    1 
HETATM 386 O O      . HOH B 2 .  ? -2.850  -2.223 3.291   1.00 24.89 ? 101 HOH A O      1 
HETATM 387 O O      . HOH B 2 .  ? -1.404  -1.530 0.949   1.00 25.87 ? 102 HOH A O      1 
HETATM 388 O O      . HOH B 2 .  ? -5.136  -2.260 4.836   1.00 28.63 ? 103 HOH A O      1 
HETATM 389 O O      . HOH B 2 .  ? -8.579  -4.771 9.817   1.00 38.44 ? 104 HOH A O      1 
HETATM 390 O O      . HOH B 2 .  ? -4.562  0.367  -2.633  1.00 31.60 ? 105 HOH A O      1 
HETATM 391 O O      . HOH B 2 .  ? 8.334   2.328  8.701   1.00 34.81 ? 106 HOH A O      1 
HETATM 392 O O      . HOH B 2 .  ? -5.226  1.342  1.340   1.00 38.84 ? 107 HOH A O      1 
HETATM 393 O O      . HOH B 2 .  ? -5.486  -3.676 -12.257 1.00 36.81 ? 108 HOH A O      1 
HETATM 394 O O      . HOH B 2 .  ? -5.257  3.046  -2.255  1.00 36.03 ? 109 HOH A O      1 
HETATM 395 O O      . HOH B 2 .  ? -2.896  -3.368 7.092   1.00 41.43 ? 110 HOH A O      1 
HETATM 396 O O      . HOH B 2 .  ? -11.962 2.990  -6.888  1.00 31.64 ? 111 HOH A O      1 
HETATM 397 O O      . HOH B 2 .  ? 8.048   -2.710 9.585   1.00 41.10 ? 112 HOH A O      1 
HETATM 398 O O      . HOH B 2 .  ? 10.588  0.476  8.237   1.00 39.09 ? 113 HOH A O      1 
HETATM 399 O O      . HOH B 2 .  ? 17.400  4.357  2.496   1.00 56.87 ? 114 HOH A O      1 
HETATM 400 O O      . HOH B 2 .  ? 2.373   -1.478 6.863   1.00 38.20 ? 115 HOH A O      1 
HETATM 401 O O      . HOH B 2 .  ? -3.845  0.475  -9.348  1.00 40.33 ? 116 HOH A O      1 
HETATM 402 O O      . HOH B 2 .  ? 5.514   -2.445 9.143   1.00 46.97 ? 117 HOH A O      1 
HETATM 403 O O      . HOH B 2 .  ? 4.068   1.360  7.436   1.00 42.24 ? 118 HOH A O      1 
HETATM 404 O O      . HOH B 2 .  ? 1.302   -4.002 8.625   1.00 47.04 ? 119 HOH A O      1 
HETATM 405 O O      . HOH B 2 .  ? -2.509  4.874  -15.189 1.00 44.13 ? 120 HOH A O      1 
HETATM 406 O O      . HOH B 2 .  ? -4.358  -2.241 -9.647  1.00 40.22 ? 121 HOH A O      1 
HETATM 407 O O      . HOH B 2 .  ? -5.148  -6.807 10.904  1.00 47.44 ? 122 HOH A O      1 
HETATM 408 O O      . HOH B 2 .  ? 8.212   2.975  12.271  1.00 52.89 ? 123 HOH A O      1 
HETATM 409 O O      . HOH B 2 .  ? -6.257  -6.057 -15.197 1.00 45.11 ? 124 HOH A O      1 
HETATM 410 O O      . HOH B 2 .  ? 1.732   0.197  5.293   1.00 41.54 ? 125 HOH A O      1 
HETATM 411 O O      . HOH B 2 .  ? -6.564  -6.778 13.174  1.00 47.49 ? 126 HOH A O      1 
HETATM 412 O O      . HOH B 2 .  ? -6.654  9.129  -19.122 1.00 43.87 ? 127 HOH A O      1 
HETATM 413 O O      . HOH B 2 .  ? -8.295  -2.642 8.038   1.00 45.78 ? 128 HOH A O      1 
HETATM 414 O O      . HOH B 2 .  ? -2.243  2.851  -13.298 1.00 42.23 ? 129 HOH A O      1 
HETATM 415 O O      . HOH B 2 .  ? 8.468   0.030  10.569  1.00 50.47 ? 130 HOH A O      1 
HETATM 416 O O      . HOH B 2 .  ? 10.725  2.526  10.797  1.00 43.64 ? 131 HOH A O      1 
HETATM 417 O O      . HOH B 2 .  ? -1.597  -0.430 4.326   1.00 64.01 ? 132 HOH A O      1 
HETATM 418 O O      . HOH B 2 .  ? -3.771  -9.001 11.391  1.00 49.76 ? 133 HOH A O      1 
HETATM 419 O O      . HOH B 2 .  ? -5.143  9.537  -13.850 1.00 45.49 ? 134 HOH A O      1 
HETATM 420 O O      . HOH B 2 .  ? 14.436  -1.734 7.342   1.00 56.00 ? 135 HOH A O      1 
HETATM 421 O O      . HOH B 2 .  ? -3.192  -1.359 -4.202  1.00 40.70 ? 136 HOH A O      1 
HETATM 422 O O      . HOH B 2 .  ? 10.080  5.480  1.397   1.00 42.25 ? 137 HOH A O      1 
HETATM 423 O O      . HOH B 2 .  ? 14.565  4.141  11.996  1.00 39.07 ? 138 HOH A O      1 
HETATM 424 O O      . HOH B 2 .  ? 18.973  9.152  9.609   1.00 39.30 ? 139 HOH A O      1 
HETATM 425 O O      . HOH B 2 .  ? 3.446   -4.329 8.166   1.00 67.38 ? 140 HOH A O      1 
HETATM 426 O O      . HOH B 2 .  ? 3.610   -0.606 8.921   1.00 71.57 ? 141 HOH A O      1 
HETATM 427 O O      . HOH B 2 .  ? -5.738  1.193  3.964   1.00 51.39 ? 142 HOH A O      1 
HETATM 428 O O      . HOH B 2 .  ? -2.619  -0.719 -1.628  1.00 63.50 ? 143 HOH A O      1 
HETATM 429 O O      . HOH B 2 .  ? -3.131  4.102  -8.874  1.00 50.67 ? 144 HOH A O      1 
HETATM 430 O O      . HOH B 2 .  ? -3.383  5.015  -19.464 1.00 52.19 ? 145 HOH A O      1 
HETATM 431 O O      . HOH B 2 .  ? -4.802  7.544  -20.341 1.00 56.77 ? 146 HOH A O      1 
HETATM 432 O O      . HOH B 2 .  ? 2.975   -6.713 11.278  1.00 50.42 ? 147 HOH A O      1 
HETATM 433 O O      . HOH B 2 .  ? 12.925  2.212  8.010   1.00 59.06 ? 148 HOH A O      1 
HETATM 434 O O      . HOH B 2 .  ? 15.066  3.408  9.279   1.00 56.64 ? 149 HOH A O      1 
HETATM 435 O O      . HOH B 2 .  ? 0.388   0.631  3.605   1.00 57.59 ? 150 HOH A O      1 
HETATM 436 O O      . HOH B 2 .  ? -0.515  2.477  2.331   1.00 55.98 ? 151 HOH A O      1 
HETATM 437 O O      . HOH B 2 .  ? -6.784  7.342  -0.674  1.00 61.37 ? 152 HOH A O      1 
HETATM 438 O O      . HOH B 2 .  ? -2.324  2.931  -11.058 1.00 62.93 ? 153 HOH A O      1 
HETATM 439 O O      . HOH B 2 .  ? -8.233  2.256  4.332   1.00 53.55 ? 154 HOH A O      1 
# 
loop_
_atom_site_anisotrop.id 
_atom_site_anisotrop.type_symbol 
_atom_site_anisotrop.pdbx_label_atom_id 
_atom_site_anisotrop.pdbx_label_alt_id 
_atom_site_anisotrop.pdbx_label_comp_id 
_atom_site_anisotrop.pdbx_label_asym_id 
_atom_site_anisotrop.pdbx_label_seq_id 
_atom_site_anisotrop.pdbx_PDB_ins_code 
_atom_site_anisotrop.U[1][1] 
_atom_site_anisotrop.U[2][2] 
_atom_site_anisotrop.U[3][3] 
_atom_site_anisotrop.U[1][2] 
_atom_site_anisotrop.U[1][3] 
_atom_site_anisotrop.U[2][3] 
_atom_site_anisotrop.pdbx_auth_seq_id 
_atom_site_anisotrop.pdbx_auth_comp_id 
_atom_site_anisotrop.pdbx_auth_asym_id 
_atom_site_anisotrop.pdbx_auth_atom_id 
1   O "O5'" . DC  A 1  ? 0.3851 0.4583 0.4387 0.0800  -0.0101 -0.0949 1  DC  A "O5'" 
2   C "C5'" . DC  A 1  ? 0.3113 0.4520 0.3902 0.0567  0.0077  -0.0626 1  DC  A "C5'" 
3   C "C4'" . DC  A 1  ? 0.3160 0.4149 0.2916 0.0288  -0.0348 -0.0051 1  DC  A "C4'" 
4   O "O4'" . DC  A 1  ? 0.3279 0.4300 0.2871 0.0453  -0.0359 -0.0046 1  DC  A "O4'" 
5   C "C3'" . DC  A 1  ? 0.3127 0.3733 0.2683 0.0121  -0.0128 0.0579  1  DC  A "C3'" 
6   O "O3'" . DC  A 1  ? 0.3000 0.3640 0.2793 0.0028  -0.0122 0.0566  1  DC  A "O3'" 
7   C "C2'" . DC  A 1  ? 0.3469 0.3476 0.2804 0.0354  -0.0178 0.0546  1  DC  A "C2'" 
8   C "C1'" . DC  A 1  ? 0.3077 0.3764 0.2714 0.0520  -0.0199 0.0354  1  DC  A "C1'" 
9   N N1    . DC  A 1  ? 0.2996 0.3461 0.2440 0.0317  -0.0194 0.0249  1  DC  A N1    
10  C C2    . DC  A 1  ? 0.3103 0.3658 0.1786 0.0150  -0.0641 0.0692  1  DC  A C2    
11  O O2    . DC  A 1  ? 0.3091 0.3298 0.2948 0.0055  -0.0511 0.0004  1  DC  A O2    
12  N N3    . DC  A 1  ? 0.3150 0.3395 0.2238 0.0463  -0.0424 0.0374  1  DC  A N3    
13  C C4    . DC  A 1  ? 0.4009 0.3430 0.2366 0.0502  -0.0436 0.0570  1  DC  A C4    
14  N N4    . DC  A 1  ? 0.4441 0.3121 0.2472 0.0383  -0.0927 0.0126  1  DC  A N4    
15  C C5    . DC  A 1  ? 0.4014 0.3256 0.2697 0.0653  -0.0069 0.0283  1  DC  A C5    
16  C C6    . DC  A 1  ? 0.3653 0.3123 0.2499 0.0431  -0.0051 0.0319  1  DC  A C6    
29  P P     . DT  A 2  ? 0.2863 0.4072 0.2906 -0.0200 -0.0060 0.0499  2  DT  A P     
30  O OP1   . DT  A 2  ? 0.2944 0.4470 0.2939 -0.0079 -0.0089 0.0869  2  DT  A OP1   
31  O OP2   . DT  A 2  ? 0.2299 0.5037 0.3280 -0.0205 0.0237  0.0293  2  DT  A OP2   
32  O "O5'" . DT  A 2  ? 0.3099 0.4056 0.3145 -0.0394 0.0003  0.0218  2  DT  A "O5'" 
33  C "C5'" . DT  A 2  ? 0.3271 0.3584 0.2725 -0.0501 -0.0044 0.0578  2  DT  A "C5'" 
34  C "C4'" . DT  A 2  ? 0.3458 0.3385 0.2849 -0.0376 -0.0300 0.0304  2  DT  A "C4'" 
35  O "O4'" . DT  A 2  ? 0.2956 0.3000 0.2954 -0.0048 -0.0144 0.0116  2  DT  A "O4'" 
36  C "C3'" . DT  A 2  ? 0.3351 0.3619 0.2709 -0.0463 -0.0417 0.0469  2  DT  A "C3'" 
37  O "O3'" . DT  A 2  ? 0.4199 0.3927 0.3221 -0.0664 -0.0528 0.0284  2  DT  A "O3'" 
38  C "C2'" . DT  A 2  ? 0.2838 0.3351 0.3068 -0.0110 -0.0287 0.0073  2  DT  A "C2'" 
39  C "C1'" . DT  A 2  ? 0.2753 0.3070 0.2785 -0.0062 -0.0258 0.0102  2  DT  A "C1'" 
40  N N1    . DT  A 2  ? 0.2862 0.3458 0.2339 -0.0222 -0.0419 0.0445  2  DT  A N1    
41  C C2    . DT  A 2  ? 0.2846 0.3307 0.2533 -0.0034 -0.0475 0.0362  2  DT  A C2    
42  O O2    . DT  A 2  ? 0.2898 0.3202 0.2419 -0.0181 -0.0127 0.0314  2  DT  A O2    
43  N N3    . DT  A 2  ? 0.3236 0.2919 0.2340 0.0227  -0.0202 0.0338  2  DT  A N3    
44  C C4    . DT  A 2  ? 0.3485 0.3192 0.2540 0.0066  -0.0148 0.0557  2  DT  A C4    
45  O O4    . DT  A 2  ? 0.3649 0.3279 0.2488 0.0219  -0.0591 0.0246  2  DT  A O4    
46  C C5    . DT  A 2  ? 0.3495 0.3100 0.2857 -0.0298 -0.0013 0.0298  2  DT  A C5    
47  C C7    . DT  A 2  ? 0.3425 0.3393 0.2872 -0.0583 -0.0195 0.0411  2  DT  A C7    
48  C C6    . DT  A 2  ? 0.2747 0.3623 0.2749 -0.0435 -0.0359 0.0055  2  DT  A C6    
61  P P     . DA  A 3  ? 0.4545 0.4105 0.3716 -0.0912 -0.0596 0.0321  3  DA  A P     
62  O OP1   . DA  A 3  ? 0.5427 0.4306 0.4116 -0.1065 0.0307  0.0798  3  DA  A OP1   
63  O OP2   . DA  A 3  ? 0.4017 0.4970 0.3631 -0.0825 -0.1007 0.0156  3  DA  A OP2   
64  O "O5'" . DA  A 3  ? 0.4741 0.4276 0.2846 -0.0763 -0.0579 0.0512  3  DA  A "O5'" 
65  C "C5'" . DA  A 3  ? 0.4911 0.3948 0.2427 -0.0484 -0.1130 0.0667  3  DA  A "C5'" 
66  C "C4'" . DA  A 3  ? 0.4660 0.3804 0.2416 -0.0290 -0.0679 0.0669  3  DA  A "C4'" 
67  O "O4'" . DA  A 3  ? 0.4142 0.3935 0.2695 -0.0381 -0.0804 0.0503  3  DA  A "O4'" 
68  C "C3'" . DA  A 3  ? 0.4420 0.3775 0.2639 -0.0200 -0.0630 0.0289  3  DA  A "C3'" 
69  O "O3'" . DA  A 3  ? 0.5031 0.3660 0.2673 -0.0037 -0.0414 0.0265  3  DA  A "O3'" 
70  C "C2'" . DA  A 3  ? 0.3931 0.3921 0.2805 -0.0503 -0.0367 0.0070  3  DA  A "C2'" 
71  C "C1'" . DA  A 3  ? 0.3676 0.3695 0.2844 -0.0662 -0.0629 0.0311  3  DA  A "C1'" 
72  N N9    . DA  A 3  ? 0.3134 0.3672 0.2981 -0.0761 -0.0670 0.0300  3  DA  A N9    
73  C C8    . DA  A 3  ? 0.3318 0.3351 0.2693 -0.0895 -0.0961 0.0404  3  DA  A C8    
74  N N7    . DA  A 3  ? 0.3510 0.3290 0.2743 -0.0838 -0.0808 0.0495  3  DA  A N7    
75  C C5    . DA  A 3  ? 0.3006 0.3516 0.2635 -0.0720 -0.0886 0.0328  3  DA  A C5    
76  C C6    . DA  A 3  ? 0.2748 0.3630 0.2285 -0.0454 -0.0705 0.0348  3  DA  A C6    
77  N N6    . DA  A 3  ? 0.3069 0.3595 0.2372 -0.0377 -0.0303 -0.0028 3  DA  A N6    
78  N N1    . DA  A 3  ? 0.3081 0.3399 0.2547 -0.0288 -0.0452 -0.0001 3  DA  A N1    
79  C C2    . DA  A 3  ? 0.3066 0.3577 0.2627 -0.0531 -0.0389 0.0206  3  DA  A C2    
80  N N3    . DA  A 3  ? 0.2899 0.3613 0.2721 -0.0615 -0.0516 0.0633  3  DA  A N3    
81  C C4    . DA  A 3  ? 0.2905 0.3434 0.2539 -0.0690 -0.0630 0.0664  3  DA  A C4    
93  P P     . 5FC A 4  ? 0.4772 0.4209 0.2895 -0.0053 -0.0713 -0.0154 4  5FC A P     
94  O OP2   . 5FC A 4  ? 0.4271 0.4316 0.3375 0.0007  -0.0998 -0.0621 4  5FC A OP2   
95  O OP1   . 5FC A 4  ? 0.5527 0.4315 0.3228 -0.0092 -0.0500 -0.0251 4  5FC A OP1   
96  O "O5'" . 5FC A 4  ? 0.4402 0.4128 0.2779 0.0418  0.0175  0.0027  4  5FC A "O5'" 
97  N N1    . 5FC A 4  ? 0.3353 0.3419 0.2323 0.0278  0.0204  0.0413  4  5FC A N1    
98  C C6    . 5FC A 4  ? 0.3201 0.3830 0.1912 0.0228  0.0075  0.0375  4  5FC A C6    
99  C C2    . 5FC A 4  ? 0.2999 0.3805 0.2499 0.0297  0.0187  0.0310  4  5FC A C2    
100 O O2    . 5FC A 4  ? 0.3193 0.3659 0.2851 0.0149  -0.0026 0.0266  4  5FC A O2    
101 N N3    . 5FC A 4  ? 0.3152 0.3817 0.1878 0.0173  0.0013  0.0264  4  5FC A N3    
102 C C4    . 5FC A 4  ? 0.3032 0.4060 0.2144 -0.0087 -0.0255 0.0257  4  5FC A C4    
103 N N4    . 5FC A 4  ? 0.3138 0.3970 0.2134 -0.0295 -0.0071 0.0070  4  5FC A N4    
104 C C5    . 5FC A 4  ? 0.3266 0.3690 0.1898 0.0229  -0.0302 0.0078  4  5FC A C5    
105 C "C2'" . 5FC A 4  ? 0.4540 0.4052 0.2414 0.0661  0.0019  0.0239  4  5FC A "C2'" 
106 C "C5'" . 5FC A 4  ? 0.4536 0.4090 0.2682 0.0548  0.0200  0.0305  4  5FC A "C5'" 
107 C "C4'" . 5FC A 4  ? 0.4608 0.4204 0.2211 0.0534  0.0081  0.0283  4  5FC A "C4'" 
108 O "O4'" . 5FC A 4  ? 0.4326 0.4104 0.2502 0.0543  0.0034  0.0695  4  5FC A "O4'" 
109 C "C1'" . 5FC A 4  ? 0.3844 0.4017 0.2600 0.0555  0.0715  0.0229  4  5FC A "C1'" 
110 C "C3'" . 5FC A 4  ? 0.4717 0.3973 0.2380 0.0726  0.0143  0.0027  4  5FC A "C3'" 
111 O "O3'" . 5FC A 4  ? 0.4591 0.3611 0.2864 0.0964  -0.0070 -0.0076 4  5FC A "O3'" 
112 C C5A   . 5FC A 4  ? 0.3162 0.3921 0.2411 0.0424  -0.0650 -0.0186 4  5FC A C5A   
113 O O5A   . 5FC A 4  ? 0.4203 0.3925 0.3409 0.0454  -0.0652 -0.0360 4  5FC A O5A   
125 P P     . DG  A 5  ? 0.4934 0.3290 0.2895 0.0446  -0.0028 -0.0179 5  DG  A P     
126 O OP1   . DG  A 5  ? 0.5657 0.3196 0.3205 0.0315  0.0085  -0.0628 5  DG  A OP1   
127 O OP2   . DG  A 5  ? 0.4717 0.3363 0.3630 0.0235  -0.0248 -0.0533 5  DG  A OP2   
128 O "O5'" . DG  A 5  ? 0.4612 0.3680 0.2674 0.0554  -0.0004 -0.0292 5  DG  A "O5'" 
129 C "C5'" . DG  A 5  ? 0.3999 0.3387 0.2515 0.0858  0.0245  -0.0088 5  DG  A "C5'" 
130 C "C4'" . DG  A 5  ? 0.3488 0.3429 0.2333 0.0716  0.0054  0.0181  5  DG  A "C4'" 
131 O "O4'" . DG  A 5  ? 0.3568 0.3447 0.2570 0.0692  -0.0460 0.0093  5  DG  A "O4'" 
132 C "C3'" . DG  A 5  ? 0.2689 0.3233 0.2646 0.0728  0.0346  -0.0077 5  DG  A "C3'" 
133 O "O3'" . DG  A 5  ? 0.2889 0.3088 0.2911 0.0609  0.0480  -0.0229 5  DG  A "O3'" 
134 C "C2'" . DG  A 5  ? 0.3008 0.3239 0.2552 0.0808  0.0360  0.0344  5  DG  A "C2'" 
135 C "C1'" . DG  A 5  ? 0.3276 0.2949 0.2737 0.0739  0.0063  0.0019  5  DG  A "C1'" 
136 N N9    . DG  A 5  ? 0.3258 0.2860 0.2144 0.0604  -0.0159 0.0311  5  DG  A N9    
137 C C8    . DG  A 5  ? 0.3211 0.3166 0.2083 0.0494  -0.0251 0.0242  5  DG  A C8    
138 N N7    . DG  A 5  ? 0.2804 0.3002 0.1965 0.0117  -0.0184 -0.0081 5  DG  A N7    
139 C C5    . DG  A 5  ? 0.2824 0.2628 0.2064 0.0268  -0.0221 -0.0024 5  DG  A C5    
140 C C6    . DG  A 5  ? 0.2567 0.2862 0.2069 -0.0073 -0.0379 0.0058  5  DG  A C6    
141 O O6    . DG  A 5  ? 0.3061 0.2755 0.2314 -0.0168 -0.0417 -0.0195 5  DG  A O6    
142 N N1    . DG  A 5  ? 0.2373 0.2798 0.2174 0.0017  0.0117  -0.0077 5  DG  A N1    
143 C C2    . DG  A 5  ? 0.2371 0.3039 0.2204 0.0311  0.0016  0.0133  5  DG  A C2    
144 N N2    . DG  A 5  ? 0.2759 0.2803 0.2377 0.0483  0.0027  0.0062  5  DG  A N2    
145 N N3    . DG  A 5  ? 0.2725 0.3106 0.2247 0.0133  -0.0228 0.0220  5  DG  A N3    
146 C C4    . DG  A 5  ? 0.3137 0.2784 0.2128 0.0226  -0.0417 -0.0055 5  DG  A C4    
158 P P     . 5FC A 6  ? 0.3278 0.3031 0.2714 0.0411  0.0213  -0.0208 6  5FC A P     
159 O OP2   . 5FC A 6  ? 0.3422 0.3398 0.2924 -0.0077 -0.0110 -0.0151 6  5FC A OP2   
160 O OP1   . 5FC A 6  ? 0.3581 0.3408 0.2830 0.0506  0.0933  -0.0105 6  5FC A OP1   
161 O "O5'" . 5FC A 6  ? 0.2872 0.3569 0.2094 0.0010  0.0618  0.0124  6  5FC A "O5'" 
162 N N1    . 5FC A 6  ? 0.2716 0.2291 0.2062 0.0560  0.0280  -0.0312 6  5FC A N1    
163 C C6    . 5FC A 6  ? 0.2494 0.2781 0.2086 0.0285  -0.0078 -0.0018 6  5FC A C6    
164 C C2    . 5FC A 6  ? 0.2495 0.2438 0.2291 -0.0056 0.0246  -0.0237 6  5FC A C2    
165 O O2    . 5FC A 6  ? 0.2948 0.2575 0.2470 -0.0049 0.0482  0.0141  6  5FC A O2    
166 N N3    . 5FC A 6  ? 0.2183 0.2173 0.2153 -0.0159 0.0160  -0.0193 6  5FC A N3    
167 C C4    . 5FC A 6  ? 0.2100 0.2345 0.1885 0.0028  -0.0103 -0.0310 6  5FC A C4    
168 N N4    . 5FC A 6  ? 0.2296 0.2896 0.1902 -0.0083 -0.0009 0.0122  6  5FC A N4    
169 C C5    . 5FC A 6  ? 0.1798 0.3017 0.2206 0.0344  0.0063  -0.0272 6  5FC A C5    
170 C "C2'" . 5FC A 6  ? 0.3045 0.3315 0.2021 0.0020  0.0104  0.0023  6  5FC A "C2'" 
171 C "C5'" . 5FC A 6  ? 0.2494 0.3597 0.1788 -0.0077 0.0355  0.0111  6  5FC A "C5'" 
172 C "C4'" . 5FC A 6  ? 0.3205 0.2930 0.2241 -0.0041 0.0157  0.0136  6  5FC A "C4'" 
173 O "O4'" . 5FC A 6  ? 0.3013 0.2806 0.2456 0.0243  0.0202  0.0042  6  5FC A "O4'" 
174 C "C1'" . 5FC A 6  ? 0.2726 0.3084 0.2217 0.0101  0.0614  0.0024  6  5FC A "C1'" 
175 C "C3'" . 5FC A 6  ? 0.3064 0.3207 0.1954 -0.0199 0.0529  0.0581  6  5FC A "C3'" 
176 O "O3'" . 5FC A 6  ? 0.2768 0.3144 0.2497 -0.0032 0.0370  0.0135  6  5FC A "O3'" 
177 C C5A   . 5FC A 6  ? 0.2696 0.3195 0.2362 -0.0106 -0.0195 0.0096  6  5FC A C5A   
178 O O5A   . 5FC A 6  ? 0.2743 0.3371 0.2923 0.0122  0.0335  0.0104  6  5FC A O5A   
190 P P     . DG  A 7  ? 0.3361 0.3661 0.2516 0.0163  0.0235  0.0052  7  DG  A P     
191 O OP1   . DG  A 7  ? 0.3597 0.3765 0.2558 0.0080  0.0172  0.0058  7  DG  A OP1   
192 O OP2   . DG  A 7  ? 0.3853 0.3516 0.2828 -0.0027 0.0132  0.0198  7  DG  A OP2   
193 O "O5'" . DG  A 7  ? 0.3148 0.3662 0.2590 0.0296  0.0602  0.0430  7  DG  A "O5'" 
194 C "C5'" . DG  A 7  ? 0.3512 0.3831 0.2635 0.0056  0.0286  0.0642  7  DG  A "C5'" 
195 C "C4'" . DG  A 7  ? 0.3372 0.4213 0.2328 -0.0140 0.0346  0.0727  7  DG  A "C4'" 
196 O "O4'" . DG  A 7  ? 0.2919 0.4435 0.2639 -0.0065 0.0605  0.0451  7  DG  A "O4'" 
197 C "C3'" . DG  A 7  ? 0.3355 0.3847 0.2475 0.0353  -0.0067 0.0116  7  DG  A "C3'" 
198 O "O3'" . DG  A 7  ? 0.3371 0.4615 0.2563 0.0292  -0.0392 0.0170  7  DG  A "O3'" 
199 C "C2'" . DG  A 7  ? 0.3281 0.3462 0.2369 0.0457  0.0075  0.0161  7  DG  A "C2'" 
200 C "C1'" . DG  A 7  ? 0.2782 0.3637 0.2643 0.0211  0.0383  0.0253  7  DG  A "C1'" 
201 N N9    . DG  A 7  ? 0.2694 0.3331 0.2244 0.0250  0.0038  0.0401  7  DG  A N9    
202 C C8    . DG  A 7  ? 0.2656 0.3314 0.2291 0.0339  0.0174  0.0252  7  DG  A C8    
203 N N7    . DG  A 7  ? 0.2229 0.3541 0.1991 0.0295  0.0273  0.0230  7  DG  A N7    
204 C C5    . DG  A 7  ? 0.2211 0.3104 0.1887 0.0289  0.0181  0.0105  7  DG  A C5    
205 C C6    . DG  A 7  ? 0.2235 0.3112 0.1834 0.0160  -0.0236 0.0174  7  DG  A C6    
206 O O6    . DG  A 7  ? 0.2468 0.3102 0.1905 0.0234  -0.0300 0.0062  7  DG  A O6    
207 N N1    . DG  A 7  ? 0.2475 0.2790 0.2011 -0.0044 -0.0064 0.0053  7  DG  A N1    
208 C C2    . DG  A 7  ? 0.2176 0.2847 0.2365 0.0060  0.0115  -0.0024 7  DG  A C2    
209 N N2    . DG  A 7  ? 0.2548 0.3122 0.2662 0.0076  0.0452  -0.0052 7  DG  A N2    
210 N N3    . DG  A 7  ? 0.2087 0.3038 0.2410 0.0037  0.0206  0.0036  7  DG  A N3    
211 C C4    . DG  A 7  ? 0.1974 0.2983 0.2331 0.0328  0.0202  0.0207  7  DG  A C4    
223 P P     . 5FC A 8  ? 0.3427 0.5296 0.2600 0.0297  0.0117  0.0208  8  5FC A P     
224 O OP2   . 5FC A 8  ? 0.3800 0.5472 0.3003 0.0130  -0.0034 0.0006  8  5FC A OP2   
225 O OP1   . 5FC A 8  ? 0.4196 0.6014 0.2427 0.0433  -0.0161 0.0348  8  5FC A OP1   
226 O "O5'" . 5FC A 8  ? 0.3325 0.4785 0.2628 0.0331  -0.0247 0.0365  8  5FC A "O5'" 
227 N N1    . 5FC A 8  ? 0.2134 0.3108 0.2476 0.0013  0.0022  0.0185  8  5FC A N1    
228 C C6    . 5FC A 8  ? 0.2493 0.2917 0.2890 0.0127  0.0104  -0.0342 8  5FC A C6    
229 C C2    . 5FC A 8  ? 0.2605 0.2459 0.2453 0.0130  0.0152  0.0086  8  5FC A C2    
230 O O2    . 5FC A 8  ? 0.2769 0.2918 0.2783 0.0195  0.0147  -0.0124 8  5FC A O2    
231 N N3    . 5FC A 8  ? 0.2467 0.2854 0.2364 0.0016  -0.0286 -0.0135 8  5FC A N3    
232 C C4    . 5FC A 8  ? 0.2587 0.2901 0.2248 0.0178  -0.0569 -0.0381 8  5FC A C4    
233 N N4    . 5FC A 8  ? 0.2835 0.2605 0.2859 0.0241  -0.0090 -0.0279 8  5FC A N4    
234 C C5    . 5FC A 8  ? 0.3098 0.2717 0.2466 0.0182  -0.0110 -0.0515 8  5FC A C5    
235 C "C2'" . 5FC A 8  ? 0.3501 0.4002 0.2633 -0.0025 -0.0573 0.0318  8  5FC A "C2'" 
236 C "C5'" . 5FC A 8  ? 0.3360 0.4143 0.2741 0.0348  -0.0239 0.0450  8  5FC A "C5'" 
237 C "C4'" . 5FC A 8  ? 0.3379 0.3965 0.2847 0.0167  -0.0472 0.0455  8  5FC A "C4'" 
238 O "O4'" . 5FC A 8  ? 0.3206 0.3658 0.2696 -0.0106 -0.0210 0.0221  8  5FC A "O4'" 
239 C "C1'" . 5FC A 8  ? 0.3220 0.3157 0.2722 0.0122  -0.0255 0.0213  8  5FC A "C1'" 
240 C "C3'" . 5FC A 8  ? 0.3722 0.4199 0.2953 0.0254  -0.0527 0.0450  8  5FC A "C3'" 
241 O "O3'" . 5FC A 8  ? 0.3950 0.5588 0.3728 -0.0067 -0.0409 0.0519  8  5FC A "O3'" 
242 C C5A   . 5FC A 8  ? 0.3592 0.3112 0.2630 0.0548  0.0184  -0.0386 8  5FC A C5A   
243 O O5A   . 5FC A 8  ? 0.4132 0.3635 0.3228 0.0625  0.0002  -0.0325 8  5FC A O5A   
255 P P     . DG  A 9  ? 0.4273 0.6983 0.3615 -0.0440 -0.0504 0.0800  9  DG  A P     
256 O OP1   . DG  A 9  ? 0.4213 0.8255 0.3258 -0.0554 -0.0765 0.1361  9  DG  A OP1   
257 O OP2   . DG  A 9  ? 0.4726 0.6757 0.3048 -0.0828 -0.1127 0.0197  9  DG  A OP2   
258 O "O5'" . DG  A 9  ? 0.4147 0.6077 0.3620 -0.0265 -0.1036 0.0511  9  DG  A "O5'" 
259 C "C5'" . DG  A 9  ? 0.4151 0.4796 0.3278 -0.0094 -0.1000 0.0533  9  DG  A "C5'" 
260 C "C4'" . DG  A 9  ? 0.3477 0.3958 0.3155 -0.0075 -0.0518 0.0337  9  DG  A "C4'" 
261 O "O4'" . DG  A 9  ? 0.3594 0.3538 0.3096 -0.0469 -0.0454 0.0139  9  DG  A "O4'" 
262 C "C3'" . DG  A 9  ? 0.3300 0.3367 0.3451 -0.0018 -0.0353 -0.0306 9  DG  A "C3'" 
263 O "O3'" . DG  A 9  ? 0.3079 0.2848 0.4106 0.0482  -0.0590 -0.0892 9  DG  A "O3'" 
264 C "C2'" . DG  A 9  ? 0.3382 0.2961 0.2971 -0.0299 -0.0120 -0.0324 9  DG  A "C2'" 
265 C "C1'" . DG  A 9  ? 0.3272 0.2890 0.2933 -0.0417 -0.0025 -0.0159 9  DG  A "C1'" 
266 N N9    . DG  A 9  ? 0.3049 0.2530 0.3064 -0.0361 -0.0062 -0.0436 9  DG  A N9    
267 C C8    . DG  A 9  ? 0.2860 0.2741 0.2999 -0.0346 -0.0019 -0.0676 9  DG  A C8    
268 N N7    . DG  A 9  ? 0.2789 0.3177 0.3007 -0.0398 -0.0129 -0.0586 9  DG  A N7    
269 C C5    . DG  A 9  ? 0.2574 0.2832 0.2826 -0.0487 -0.0373 -0.0776 9  DG  A C5    
270 C C6    . DG  A 9  ? 0.2666 0.3103 0.2951 -0.0437 -0.0162 -0.0964 9  DG  A C6    
271 O O6    . DG  A 9  ? 0.2717 0.3578 0.2564 -0.0396 -0.0257 -0.0682 9  DG  A O6    
272 N N1    . DG  A 9  ? 0.2585 0.3075 0.2451 -0.0491 -0.0118 -0.1097 9  DG  A N1    
273 C C2    . DG  A 9  ? 0.3009 0.2832 0.2897 -0.0450 -0.0300 -0.0683 9  DG  A C2    
274 N N2    . DG  A 9  ? 0.3076 0.2476 0.2756 -0.0166 -0.0131 -0.0574 9  DG  A N2    
275 N N3    . DG  A 9  ? 0.2897 0.3063 0.2929 -0.0398 -0.0189 -0.0322 9  DG  A N3    
276 C C4    . DG  A 9  ? 0.2649 0.2810 0.2801 -0.0480 -0.0204 -0.0553 9  DG  A C4    
288 P P     . DT  A 10 ? 0.3400 0.3660 0.3964 0.0425  -0.0715 -0.0694 10 DT  A P     
289 O OP1   . DT  A 10 ? 0.3400 0.4331 0.4242 0.0590  -0.0808 -0.0484 10 DT  A OP1   
290 O OP2   . DT  A 10 ? 0.3364 0.3955 0.3957 0.0390  -0.0806 -0.0694 10 DT  A OP2   
291 O "O5'" . DT  A 10 ? 0.2899 0.3621 0.3855 0.0605  -0.0200 -0.0751 10 DT  A "O5'" 
292 C "C5'" . DT  A 10 ? 0.2838 0.3439 0.3976 0.0728  -0.0044 -0.0567 10 DT  A "C5'" 
293 C "C4'" . DT  A 10 ? 0.3074 0.2933 0.4231 0.0509  -0.0250 -0.0861 10 DT  A "C4'" 
294 O "O4'" . DT  A 10 ? 0.3036 0.3003 0.4412 0.0174  -0.0351 -0.0820 10 DT  A "O4'" 
295 C "C3'" . DT  A 10 ? 0.3545 0.3000 0.5013 0.0264  -0.0585 -0.1065 10 DT  A "C3'" 
296 O "O3'" . DT  A 10 ? 0.3884 0.3451 0.6060 0.0284  -0.1114 -0.1422 10 DT  A "O3'" 
297 C "C2'" . DT  A 10 ? 0.3365 0.2883 0.4761 0.0067  -0.0446 -0.0894 10 DT  A "C2'" 
298 C "C1'" . DT  A 10 ? 0.3538 0.2600 0.4467 0.0381  -0.0249 -0.0861 10 DT  A "C1'" 
299 N N1    . DT  A 10 ? 0.3724 0.2865 0.3952 0.0374  -0.0706 -0.0868 10 DT  A N1    
300 C C2    . DT  A 10 ? 0.3909 0.3012 0.3728 0.0657  -0.0891 -0.1157 10 DT  A C2    
301 O O2    . DT  A 10 ? 0.4123 0.3220 0.4059 0.0711  -0.0896 -0.0976 10 DT  A O2    
302 N N3    . DT  A 10 ? 0.2944 0.3094 0.3638 0.0554  -0.0548 -0.1678 10 DT  A N3    
303 C C4    . DT  A 10 ? 0.3212 0.2867 0.3325 0.0119  -0.0400 -0.1407 10 DT  A C4    
304 O O4    . DT  A 10 ? 0.3070 0.3041 0.3506 0.0084  -0.0099 -0.1269 10 DT  A O4    
305 C C5    . DT  A 10 ? 0.3540 0.2417 0.3631 -0.0047 -0.0698 -0.1115 10 DT  A C5    
306 C C7    . DT  A 10 ? 0.3134 0.3023 0.3679 0.0006  -0.0668 -0.0818 10 DT  A C7    
307 C C6    . DT  A 10 ? 0.3616 0.2694 0.3737 0.0231  -0.0649 -0.0925 10 DT  A C6    
320 P P     . DA  A 11 ? 0.4434 0.3477 0.7264 0.0240  -0.1483 -0.1153 11 DA  A P     
321 O OP1   . DA  A 11 ? 0.3684 0.4048 0.8020 0.0171  -0.1143 -0.1312 11 DA  A OP1   
322 O OP2   . DA  A 11 ? 0.4898 0.4449 0.7107 0.0152  -0.1416 -0.0610 11 DA  A OP2   
323 O "O5'" . DA  A 11 ? 0.3716 0.3794 0.7010 0.0196  -0.1486 -0.1133 11 DA  A "O5'" 
324 C "C5'" . DA  A 11 ? 0.3592 0.3916 0.6616 -0.0089 -0.1011 -0.0813 11 DA  A "C5'" 
325 C "C4'" . DA  A 11 ? 0.3757 0.3686 0.5954 -0.0224 -0.0546 -0.0752 11 DA  A "C4'" 
326 O "O4'" . DA  A 11 ? 0.3460 0.3486 0.5037 -0.0382 -0.0481 -0.0688 11 DA  A "O4'" 
327 C "C3'" . DA  A 11 ? 0.3784 0.3515 0.6361 -0.0038 -0.0279 -0.0849 11 DA  A "C3'" 
328 O "O3'" . DA  A 11 ? 0.3484 0.3950 0.7620 0.0441  -0.0237 -0.1238 11 DA  A "O3'" 
329 C "C2'" . DA  A 11 ? 0.3552 0.2939 0.5426 -0.0325 -0.0233 -0.0893 11 DA  A "C2'" 
330 C "C1'" . DA  A 11 ? 0.3342 0.3190 0.4753 -0.0277 -0.0324 -0.0631 11 DA  A "C1'" 
331 N N9    . DA  A 11 ? 0.3411 0.2770 0.3661 0.0010  -0.0266 -0.0323 11 DA  A N9    
332 C C8    . DA  A 11 ? 0.3044 0.2725 0.3442 -0.0087 -0.0681 -0.0400 11 DA  A C8    
333 N N7    . DA  A 11 ? 0.3240 0.2772 0.3360 -0.0064 -0.0900 -0.0451 11 DA  A N7    
334 C C5    . DA  A 11 ? 0.3264 0.2620 0.2937 -0.0268 -0.0706 -0.0328 11 DA  A C5    
335 C C6    . DA  A 11 ? 0.3411 0.2021 0.2903 -0.0431 -0.0726 -0.0513 11 DA  A C6    
336 N N6    . DA  A 11 ? 0.3761 0.2391 0.2673 -0.0188 -0.0538 -0.0146 11 DA  A N6    
337 N N1    . DA  A 11 ? 0.3486 0.2289 0.2675 -0.0024 -0.0138 -0.0523 11 DA  A N1    
338 C C2    . DA  A 11 ? 0.3563 0.2833 0.2645 0.0128  -0.0140 -0.0446 11 DA  A C2    
339 N N3    . DA  A 11 ? 0.3652 0.2567 0.2771 0.0207  -0.0074 -0.0255 11 DA  A N3    
340 C C4    . DA  A 11 ? 0.3760 0.2392 0.3308 0.0025  -0.0238 -0.0085 11 DA  A C4    
352 P P     . DG  A 12 ? 0.3246 0.4703 0.8145 0.0202  -0.0504 -0.1608 12 DG  A P     
353 O OP1   . DG  A 12 ? 0.4012 0.5317 0.8749 0.0719  -0.0004 -0.1313 12 DG  A OP1   
354 O OP2   . DG  A 12 ? 0.2901 0.4880 0.8685 0.0317  -0.1085 -0.1169 12 DG  A OP2   
355 O "O5'" . DG  A 12 ? 0.3655 0.4359 0.6671 0.0393  -0.0505 -0.1460 12 DG  A "O5'" 
356 C "C5'" . DG  A 12 ? 0.3435 0.4853 0.5751 0.0441  -0.0458 -0.1401 12 DG  A "C5'" 
357 C "C4'" . DG  A 12 ? 0.3370 0.4611 0.4759 0.0335  -0.0937 -0.1436 12 DG  A "C4'" 
358 O "O4'" . DG  A 12 ? 0.4060 0.4518 0.3929 0.0577  -0.0923 -0.1375 12 DG  A "O4'" 
359 C "C3'" . DG  A 12 ? 0.3595 0.4207 0.4616 0.0184  -0.1434 -0.1233 12 DG  A "C3'" 
360 O "O3'" . DG  A 12 ? 0.4627 0.3922 0.4927 -0.0243 -0.1647 -0.0890 12 DG  A "O3'" 
361 C "C2'" . DG  A 12 ? 0.3769 0.3607 0.3952 0.0506  -0.1311 -0.1432 12 DG  A "C2'" 
362 C "C1'" . DG  A 12 ? 0.3963 0.3727 0.3275 0.0587  -0.1347 -0.1424 12 DG  A "C1'" 
363 N N9    . DG  A 12 ? 0.3896 0.3560 0.3301 0.0702  -0.1274 -0.0219 12 DG  A N9    
364 C C8    . DG  A 12 ? 0.4161 0.3754 0.3585 0.0736  -0.1003 -0.0087 12 DG  A C8    
365 N N7    . DG  A 12 ? 0.4151 0.3333 0.3530 0.0724  -0.1098 -0.0333 12 DG  A N7    
366 C C5    . DG  A 12 ? 0.3851 0.2770 0.2981 0.0650  -0.1118 -0.0400 12 DG  A C5    
367 C C6    . DG  A 12 ? 0.4182 0.2186 0.2771 0.0327  -0.1344 -0.0850 12 DG  A C6    
368 O O6    . DG  A 12 ? 0.4379 0.2597 0.3506 0.0009  -0.1043 -0.0285 12 DG  A O6    
369 N N1    . DG  A 12 ? 0.3611 0.2143 0.2996 0.0138  -0.1062 -0.0765 12 DG  A N1    
370 C C2    . DG  A 12 ? 0.3096 0.2639 0.2848 0.0380  -0.0877 -0.0859 12 DG  A C2    
371 N N2    . DG  A 12 ? 0.3507 0.2990 0.3345 0.0507  -0.0437 -0.0556 12 DG  A N2    
372 N N3    . DG  A 12 ? 0.3395 0.2834 0.2473 0.0457  -0.0776 -0.0252 12 DG  A N3    
373 C C4    . DG  A 12 ? 0.3578 0.2877 0.2753 0.0549  -0.1265 -0.0339 12 DG  A C4    
# 
